data_8C7U
#
_entry.id   8C7U
#
_cell.length_a   86.747
_cell.length_b   98.692
_cell.length_c   168.363
_cell.angle_alpha   90.00
_cell.angle_beta   90.00
_cell.angle_gamma   90.00
#
_symmetry.space_group_name_H-M   'P 21 21 21'
#
loop_
_entity.id
_entity.type
_entity.pdbx_description
1 polymer 'GTP-sensing transcriptional pleiotropic repressor CodY'
2 polymer 'DNA (29-MER)'
3 polymer 'DNA (30-MER)'
4 non-polymer LEUCINE
5 non-polymer 'MANGANESE (II) ION'
#
loop_
_entity_poly.entity_id
_entity_poly.type
_entity_poly.pdbx_seq_one_letter_code
_entity_poly.pdbx_strand_id
1 'polypeptide(L)'
;GAMATLLEKTRQVNELLQKNNLFDVQAELPYNKMAMILGDILESNAYIISSSGDLLGYTEKLDVNNARIKNMFKEKKFPQ
GYTEAVDMLKVTEANIPIDSDLTAFPFESRELYPFGLTTIVPLYGAGKRLGTIILARVEKSFNEDDLVLAEYSATVVGMQ
ILYHQSRTIEAEVRSATAVQMAINTLSYSELKAVHAIFEALDGEEGRLTASSIADEIGITRSVIVNALRKLESAGIIESR
SLGMKGTYLKVLNQQFIKELEK
;
A,B,C,D
2 'polydeoxyribonucleotide'
;(DC)(DT)(DA)(DA)(DA)(DT)(DT)(DT)(DT)(DC)(DT)(DG)(DA)(DA)(DA)(DA)(DT)(DT)(DC)(DT)
(DG)(DA)(DA)(DA)(DA)(DT)(DT)(DA)(DT)(DC)
;
E
3 'polydeoxyribonucleotide'
;(DG)(DA)(DT)(DA)(DA)(DT)(DT)(DT)(DT)(DC)(DA)(DG)(DA)(DA)(DT)(DT)(DT)(DT)(DC)(DA)
(DG)(DA)(DA)(DA)(DA)(DT)(DT)(DT)(DA)(DG)
;
F
#
loop_
_chem_comp.id
_chem_comp.type
_chem_comp.name
_chem_comp.formula
DA DNA linking 2'-DEOXYADENOSINE-5'-MONOPHOSPHATE 'C10 H14 N5 O6 P'
DC DNA linking 2'-DEOXYCYTIDINE-5'-MONOPHOSPHATE 'C9 H14 N3 O7 P'
DG DNA linking 2'-DEOXYGUANOSINE-5'-MONOPHOSPHATE 'C10 H14 N5 O7 P'
DT DNA linking THYMIDINE-5'-MONOPHOSPHATE 'C10 H15 N2 O8 P'
MN non-polymer 'MANGANESE (II) ION' 'Mn 2'
#
# COMPACT_ATOMS: atom_id res chain seq x y z
N ALA A 2 -1.61 36.37 -26.87
CA ALA A 2 -2.16 34.99 -27.04
C ALA A 2 -1.32 33.96 -26.27
N MET A 3 -0.28 34.45 -25.58
CA MET A 3 0.65 33.55 -24.89
C MET A 3 0.05 33.01 -23.60
N ALA A 4 -0.65 33.88 -22.86
CA ALA A 4 -1.31 33.44 -21.63
C ALA A 4 -2.36 32.38 -21.90
N THR A 5 -3.18 32.58 -22.93
CA THR A 5 -4.20 31.59 -23.27
C THR A 5 -3.57 30.24 -23.60
N LEU A 6 -2.45 30.25 -24.33
CA LEU A 6 -1.75 29.01 -24.64
C LEU A 6 -1.28 28.32 -23.37
N LEU A 7 -0.68 29.09 -22.46
CA LEU A 7 -0.23 28.50 -21.19
C LEU A 7 -1.40 27.88 -20.44
N GLU A 8 -2.55 28.55 -20.43
CA GLU A 8 -3.74 28.01 -19.77
C GLU A 8 -4.15 26.67 -20.37
N LYS A 9 -4.16 26.58 -21.70
CA LYS A 9 -4.55 25.32 -22.35
C LYS A 9 -3.55 24.20 -22.02
N THR A 10 -2.26 24.52 -22.06
CA THR A 10 -1.26 23.51 -21.73
C THR A 10 -1.43 23.03 -20.29
N ARG A 11 -1.77 23.94 -19.37
CA ARG A 11 -1.97 23.52 -17.99
C ARG A 11 -3.17 22.59 -17.84
N GLN A 12 -4.26 22.87 -18.54
CA GLN A 12 -5.41 21.96 -18.40
C GLN A 12 -5.08 20.58 -18.95
N VAL A 13 -4.32 20.50 -20.04
CA VAL A 13 -4.00 19.16 -20.56
C VAL A 13 -3.03 18.44 -19.63
N ASN A 14 -2.10 19.19 -19.03
CA ASN A 14 -1.22 18.56 -18.04
C ASN A 14 -2.04 18.01 -16.89
N GLU A 15 -3.09 18.73 -16.47
CA GLU A 15 -3.93 18.23 -15.39
C GLU A 15 -4.62 16.95 -15.82
N LEU A 16 -4.91 16.82 -17.10
CA LEU A 16 -5.58 15.61 -17.57
C LEU A 16 -4.64 14.42 -17.65
N LEU A 17 -3.34 14.65 -17.80
CA LEU A 17 -2.42 13.51 -17.93
C LEU A 17 -2.48 12.57 -16.73
N GLN A 18 -2.78 13.08 -15.53
CA GLN A 18 -2.84 12.23 -14.34
C GLN A 18 -3.91 11.15 -14.45
N LYS A 19 -5.14 11.55 -14.79
CA LYS A 19 -6.30 10.66 -14.75
C LYS A 19 -6.09 9.24 -15.25
N ASN A 20 -5.28 9.03 -16.29
CA ASN A 20 -5.13 7.69 -16.84
C ASN A 20 -4.67 6.70 -15.77
N ASN A 21 -3.51 7.00 -15.15
CA ASN A 21 -3.10 6.35 -13.90
C ASN A 21 -3.10 4.82 -13.98
N LEU A 22 -2.85 4.23 -15.15
CA LEU A 22 -2.74 2.78 -15.23
C LEU A 22 -2.09 2.41 -16.56
N PHE A 23 -1.60 1.17 -16.66
CA PHE A 23 -0.91 0.66 -17.89
C PHE A 23 -1.35 -0.73 -18.37
N ASP A 24 -2.34 -1.40 -17.76
CA ASP A 24 -2.80 -2.70 -18.31
C ASP A 24 -3.39 -2.37 -19.69
N VAL A 25 -4.25 -1.35 -19.71
CA VAL A 25 -4.91 -0.71 -20.88
C VAL A 25 -5.40 -1.76 -21.87
N GLN A 26 -6.18 -2.73 -21.44
CA GLN A 26 -6.75 -3.70 -22.39
C GLN A 26 -8.05 -3.07 -22.90
N ALA A 27 -7.93 -2.11 -23.83
CA ALA A 27 -9.03 -1.33 -24.44
C ALA A 27 -8.93 -1.52 -25.96
N GLU A 28 -10.02 -1.31 -26.68
CA GLU A 28 -10.03 -1.49 -28.13
C GLU A 28 -9.31 -0.35 -28.82
N LEU A 29 -9.41 0.85 -28.28
CA LEU A 29 -8.80 2.05 -28.84
C LEU A 29 -8.26 2.81 -27.63
N PRO A 30 -7.10 2.41 -27.12
CA PRO A 30 -6.68 2.95 -25.81
C PRO A 30 -6.53 4.46 -25.78
N TYR A 31 -5.91 5.04 -26.80
CA TYR A 31 -5.71 6.48 -26.88
C TYR A 31 -6.99 7.25 -27.18
N ASN A 32 -8.12 6.59 -27.39
CA ASN A 32 -9.38 7.29 -27.66
C ASN A 32 -9.63 8.38 -26.63
N LYS A 33 -9.45 8.08 -25.34
CA LYS A 33 -9.56 9.11 -24.31
C LYS A 33 -8.66 10.30 -24.63
N MET A 34 -7.39 10.03 -24.93
CA MET A 34 -6.48 11.12 -25.30
C MET A 34 -7.00 11.88 -26.51
N ALA A 35 -7.67 11.17 -27.43
CA ALA A 35 -8.24 11.86 -28.59
C ALA A 35 -9.34 12.81 -28.16
N MET A 36 -10.24 12.36 -27.29
CA MET A 36 -11.38 13.18 -26.90
C MET A 36 -10.91 14.53 -26.36
N ILE A 37 -9.98 14.49 -25.41
CA ILE A 37 -9.47 15.73 -24.85
C ILE A 37 -8.98 16.61 -25.99
N LEU A 38 -8.14 16.04 -26.86
CA LEU A 38 -7.54 16.84 -27.93
C LEU A 38 -8.61 17.40 -28.85
N GLY A 39 -9.67 16.64 -29.08
CA GLY A 39 -10.75 17.16 -29.91
C GLY A 39 -11.41 18.38 -29.30
N ASP A 40 -11.64 18.36 -27.99
CA ASP A 40 -12.42 19.44 -27.37
C ASP A 40 -11.63 20.74 -27.34
N ILE A 41 -10.38 20.71 -26.87
CA ILE A 41 -9.61 21.95 -26.74
C ILE A 41 -9.37 22.61 -28.09
N LEU A 42 -9.25 21.83 -29.15
CA LEU A 42 -9.05 22.41 -30.47
C LEU A 42 -10.37 22.57 -31.23
N GLU A 43 -11.47 22.06 -30.69
CA GLU A 43 -12.79 22.18 -31.29
C GLU A 43 -12.76 21.76 -32.76
N SER A 44 -12.23 20.56 -32.99
CA SER A 44 -12.05 20.03 -34.34
C SER A 44 -12.11 18.51 -34.27
N ASN A 45 -12.40 17.89 -35.42
CA ASN A 45 -12.37 16.45 -35.47
C ASN A 45 -10.94 15.96 -35.33
N ALA A 46 -10.76 14.85 -34.61
CA ALA A 46 -9.46 14.30 -34.33
C ALA A 46 -9.46 12.81 -34.58
N TYR A 47 -8.37 12.32 -35.17
CA TYR A 47 -8.18 10.91 -35.43
C TYR A 47 -6.74 10.55 -35.09
N ILE A 48 -6.54 9.35 -34.58
CA ILE A 48 -5.22 8.85 -34.21
C ILE A 48 -5.08 7.48 -34.85
N ILE A 49 -4.04 7.30 -35.68
CA ILE A 49 -3.83 6.05 -36.37
C ILE A 49 -2.39 5.61 -36.18
N SER A 50 -2.17 4.31 -36.35
CA SER A 50 -0.82 3.76 -36.29
C SER A 50 -0.12 3.99 -37.63
N SER A 51 1.15 3.61 -37.70
CA SER A 51 1.87 3.74 -38.96
C SER A 51 1.29 2.83 -40.03
N SER A 52 0.68 1.71 -39.63
CA SER A 52 0.06 0.80 -40.59
C SER A 52 -1.35 1.22 -40.97
N GLY A 53 -2.00 2.05 -40.16
CA GLY A 53 -3.36 2.48 -40.41
C GLY A 53 -4.37 2.05 -39.38
N ASP A 54 -4.00 1.20 -38.42
CA ASP A 54 -4.94 0.78 -37.40
C ASP A 54 -5.40 1.98 -36.59
N LEU A 55 -6.72 2.16 -36.51
CA LEU A 55 -7.28 3.27 -35.74
C LEU A 55 -7.05 3.02 -34.25
N LEU A 56 -6.62 4.06 -33.54
CA LEU A 56 -6.35 3.96 -32.11
C LEU A 56 -7.16 4.93 -31.25
N GLY A 57 -7.93 5.82 -31.87
CA GLY A 57 -8.72 6.80 -31.14
C GLY A 57 -9.28 7.85 -32.07
N TYR A 58 -10.52 8.30 -31.83
CA TYR A 58 -11.14 9.26 -32.72
C TYR A 58 -12.32 9.93 -32.04
N THR A 59 -12.71 11.08 -32.59
CA THR A 59 -13.93 11.79 -32.17
C THR A 59 -14.43 12.58 -33.37
N GLU A 60 -15.59 12.21 -33.88
CA GLU A 60 -16.21 12.90 -35.01
C GLU A 60 -17.17 13.96 -34.48
N LYS A 61 -16.59 15.11 -34.13
CA LYS A 61 -17.42 16.19 -33.62
C LYS A 61 -18.30 16.78 -34.72
N LEU A 62 -17.77 16.84 -35.94
CA LEU A 62 -18.43 17.47 -37.08
C LEU A 62 -18.97 16.41 -38.06
N ASP A 63 -19.61 16.90 -39.12
CA ASP A 63 -20.24 16.04 -40.12
C ASP A 63 -19.23 15.33 -41.02
N VAL A 64 -19.36 14.00 -41.11
CA VAL A 64 -18.51 13.18 -41.96
C VAL A 64 -19.40 12.17 -42.70
N ASN A 65 -18.93 11.69 -43.84
CA ASN A 65 -19.69 10.70 -44.59
C ASN A 65 -20.18 9.62 -43.63
N ASN A 66 -21.37 9.11 -43.90
CA ASN A 66 -21.97 8.12 -43.00
C ASN A 66 -21.59 6.69 -43.36
N ALA A 67 -21.78 6.30 -44.60
CA ALA A 67 -21.78 4.88 -44.95
C ALA A 67 -20.40 4.23 -44.99
N ARG A 68 -19.54 4.63 -45.94
CA ARG A 68 -18.25 3.97 -46.08
C ARG A 68 -17.25 4.41 -45.01
N ILE A 69 -17.31 5.67 -44.57
CA ILE A 69 -16.39 6.17 -43.56
C ILE A 69 -16.70 5.57 -42.18
N LYS A 70 -17.97 5.25 -41.91
CA LYS A 70 -18.28 4.56 -40.65
C LYS A 70 -17.60 3.20 -40.57
N ASN A 71 -17.46 2.51 -41.70
CA ASN A 71 -16.75 1.24 -41.69
C ASN A 71 -15.30 1.41 -41.27
N MET A 72 -14.67 2.55 -41.59
CA MET A 72 -13.31 2.76 -41.12
C MET A 72 -13.26 2.78 -39.59
N PHE A 73 -14.19 3.48 -38.95
CA PHE A 73 -14.23 3.50 -37.49
C PHE A 73 -14.57 2.13 -36.92
N LYS A 74 -15.57 1.45 -37.49
CA LYS A 74 -16.00 0.17 -36.95
C LYS A 74 -14.91 -0.89 -37.11
N GLU A 75 -14.39 -1.04 -38.32
CA GLU A 75 -13.33 -2.01 -38.59
C GLU A 75 -11.99 -1.58 -38.01
N LYS A 76 -11.87 -0.32 -37.55
CA LYS A 76 -10.65 0.16 -36.90
C LYS A 76 -9.46 0.05 -37.84
N LYS A 77 -9.63 0.54 -39.07
CA LYS A 77 -8.57 0.45 -40.07
C LYS A 77 -8.81 1.51 -41.13
N PHE A 78 -7.86 2.41 -41.31
CA PHE A 78 -7.93 3.42 -42.35
C PHE A 78 -7.49 2.86 -43.70
N PRO A 79 -7.88 3.51 -44.79
CA PRO A 79 -7.51 3.00 -46.12
C PRO A 79 -5.99 3.00 -46.33
N GLN A 80 -5.49 1.91 -46.91
CA GLN A 80 -4.06 1.74 -47.07
C GLN A 80 -3.43 2.92 -47.82
N GLY A 81 -4.15 3.47 -48.80
CA GLY A 81 -3.58 4.54 -49.59
C GLY A 81 -3.37 5.81 -48.79
N TYR A 82 -4.39 6.21 -48.03
CA TYR A 82 -4.29 7.42 -47.23
C TYR A 82 -3.22 7.27 -46.15
N THR A 83 -3.15 6.10 -45.51
CA THR A 83 -2.15 5.90 -44.47
C THR A 83 -0.74 5.95 -45.04
N GLU A 84 -0.51 5.28 -46.18
CA GLU A 84 0.83 5.33 -46.76
C GLU A 84 1.15 6.69 -47.36
N ALA A 85 0.13 7.51 -47.64
CA ALA A 85 0.39 8.87 -48.09
C ALA A 85 0.79 9.77 -46.91
N VAL A 86 0.11 9.62 -45.77
CA VAL A 86 0.46 10.47 -44.62
C VAL A 86 1.77 10.02 -43.97
N ASP A 87 2.16 8.76 -44.13
CA ASP A 87 3.42 8.30 -43.52
C ASP A 87 4.63 9.01 -44.12
N MET A 88 4.50 9.57 -45.32
CA MET A 88 5.59 10.24 -46.02
C MET A 88 5.80 11.69 -45.59
N LEU A 89 4.91 12.25 -44.77
CA LEU A 89 4.95 13.68 -44.45
C LEU A 89 6.24 14.06 -43.71
N LYS A 90 6.71 13.21 -42.80
CA LYS A 90 7.97 13.39 -42.08
C LYS A 90 7.87 14.49 -41.01
N VAL A 91 7.46 15.71 -41.38
CA VAL A 91 7.30 16.79 -40.41
C VAL A 91 5.85 17.23 -40.43
N THR A 92 5.49 18.08 -39.47
CA THR A 92 4.11 18.54 -39.37
C THR A 92 3.75 19.43 -40.54
N GLU A 93 2.56 19.24 -41.07
CA GLU A 93 1.99 20.10 -42.10
C GLU A 93 0.57 20.45 -41.68
N ALA A 94 0.22 21.73 -41.76
CA ALA A 94 -1.05 22.23 -41.25
C ALA A 94 -1.77 23.03 -42.32
N ASN A 95 -3.07 23.21 -42.11
CA ASN A 95 -3.91 24.01 -42.99
C ASN A 95 -3.86 23.43 -44.41
N ILE A 96 -4.08 22.13 -44.51
CA ILE A 96 -4.07 21.43 -45.80
C ILE A 96 -5.42 21.63 -46.49
N PRO A 97 -5.44 22.17 -47.72
CA PRO A 97 -6.72 22.39 -48.41
C PRO A 97 -7.44 21.11 -48.79
N ILE A 98 -8.55 21.25 -49.51
CA ILE A 98 -9.35 20.08 -49.89
C ILE A 98 -8.74 19.38 -51.10
N ASP A 99 -8.11 20.12 -52.01
CA ASP A 99 -7.58 19.53 -53.23
C ASP A 99 -6.47 18.52 -52.97
N SER A 100 -5.81 18.61 -51.83
CA SER A 100 -4.73 17.67 -51.51
C SER A 100 -5.28 16.32 -51.13
N ASP A 101 -4.56 15.25 -51.53
CA ASP A 101 -4.98 13.90 -51.19
C ASP A 101 -4.85 13.61 -49.70
N LEU A 102 -4.05 14.42 -48.98
CA LEU A 102 -3.88 14.29 -47.54
C LEU A 102 -5.05 14.87 -46.76
N THR A 103 -6.14 15.26 -47.43
CA THR A 103 -7.25 15.89 -46.73
C THR A 103 -7.96 14.87 -45.85
N ALA A 104 -8.40 15.33 -44.67
CA ALA A 104 -9.13 14.46 -43.76
C ALA A 104 -10.59 14.30 -44.15
N PHE A 105 -11.11 15.16 -45.01
CA PHE A 105 -12.52 15.08 -45.37
C PHE A 105 -12.75 14.02 -46.46
N PRO A 106 -13.94 13.42 -46.50
CA PRO A 106 -14.23 12.40 -47.52
C PRO A 106 -14.21 12.99 -48.92
N PHE A 107 -13.68 12.22 -49.88
CA PHE A 107 -13.71 12.67 -51.27
C PHE A 107 -15.11 12.55 -51.88
N GLU A 108 -15.99 11.75 -51.30
CA GLU A 108 -17.38 11.72 -51.76
C GLU A 108 -18.07 13.07 -51.52
N SER A 109 -17.90 13.64 -50.33
CA SER A 109 -18.52 14.92 -49.98
C SER A 109 -17.41 15.96 -49.80
N ARG A 110 -16.88 16.44 -50.93
CA ARG A 110 -15.94 17.55 -50.96
C ARG A 110 -16.59 18.86 -51.32
N GLU A 111 -17.73 18.83 -51.99
CA GLU A 111 -18.46 20.04 -52.35
C GLU A 111 -19.25 20.61 -51.18
N LEU A 112 -19.46 19.84 -50.13
CA LEU A 112 -20.16 20.33 -48.95
C LEU A 112 -19.28 21.24 -48.09
N TYR A 113 -17.96 21.01 -48.07
CA TYR A 113 -17.04 21.71 -47.18
C TYR A 113 -15.90 22.31 -48.00
N PRO A 114 -16.16 23.39 -48.76
CA PRO A 114 -15.09 23.95 -49.61
C PRO A 114 -13.91 24.51 -48.83
N PHE A 115 -14.13 25.19 -47.71
CA PHE A 115 -13.06 25.78 -46.91
C PHE A 115 -12.47 24.85 -45.85
N GLY A 116 -12.96 23.62 -45.72
CA GLY A 116 -12.47 22.79 -44.63
C GLY A 116 -10.96 22.65 -44.68
N LEU A 117 -10.33 22.70 -43.50
CA LEU A 117 -8.90 22.57 -43.35
C LEU A 117 -8.57 21.40 -42.44
N THR A 118 -7.37 20.85 -42.62
CA THR A 118 -6.94 19.68 -41.87
C THR A 118 -5.44 19.78 -41.61
N THR A 119 -5.02 19.16 -40.51
CA THR A 119 -3.61 19.19 -40.09
C THR A 119 -3.18 17.78 -39.74
N ILE A 120 -1.93 17.46 -40.06
CA ILE A 120 -1.36 16.14 -39.80
C ILE A 120 -0.11 16.31 -38.96
N VAL A 121 -0.02 15.53 -37.88
CA VAL A 121 1.11 15.59 -36.96
C VAL A 121 1.65 14.17 -36.81
N PRO A 122 2.89 13.90 -37.17
CA PRO A 122 3.45 12.55 -37.01
C PRO A 122 3.93 12.30 -35.58
N LEU A 123 3.95 11.02 -35.22
CA LEU A 123 4.38 10.56 -33.91
C LEU A 123 5.70 9.81 -34.07
N TYR A 124 6.65 10.08 -33.17
CA TYR A 124 7.99 9.50 -33.28
C TYR A 124 8.50 9.00 -31.93
N GLY A 125 8.86 7.72 -31.91
CA GLY A 125 9.54 7.11 -30.78
C GLY A 125 10.88 6.53 -31.16
N ALA A 126 11.95 7.00 -30.52
CA ALA A 126 13.30 6.49 -30.77
C ALA A 126 13.66 6.52 -32.25
N GLY A 127 13.29 7.60 -32.93
CA GLY A 127 13.61 7.70 -34.34
C GLY A 127 12.79 6.83 -35.25
N LYS A 128 11.63 6.35 -34.80
CA LYS A 128 10.75 5.52 -35.60
C LYS A 128 9.36 6.13 -35.61
N ARG A 129 8.69 6.07 -36.75
CA ARG A 129 7.33 6.61 -36.85
C ARG A 129 6.38 5.61 -36.19
N LEU A 130 5.71 6.05 -35.13
CA LEU A 130 4.79 5.18 -34.41
C LEU A 130 3.35 5.35 -34.86
N GLY A 131 3.02 6.50 -35.45
CA GLY A 131 1.67 6.72 -35.93
C GLY A 131 1.52 8.13 -36.44
N THR A 132 0.28 8.63 -36.43
CA THR A 132 -0.07 9.95 -36.97
C THR A 132 -1.34 10.47 -36.31
N ILE A 133 -1.43 11.75 -36.01
CA ILE A 133 -2.64 12.43 -35.56
C ILE A 133 -3.15 13.30 -36.70
N ILE A 134 -4.46 13.32 -36.87
CA ILE A 134 -5.11 14.06 -37.95
C ILE A 134 -6.19 14.93 -37.34
N LEU A 135 -6.17 16.22 -37.66
CA LEU A 135 -7.14 17.19 -37.16
C LEU A 135 -7.85 17.86 -38.32
N ALA A 136 -9.12 18.20 -38.15
CA ALA A 136 -9.93 18.78 -39.22
C ALA A 136 -10.93 19.82 -38.69
N ARG A 137 -10.99 21.02 -39.25
CA ARG A 137 -11.86 22.15 -38.88
C ARG A 137 -12.54 22.66 -40.13
N VAL A 138 -13.72 23.25 -40.01
CA VAL A 138 -14.39 23.87 -41.15
C VAL A 138 -14.18 25.37 -40.99
N GLU A 139 -13.73 26.09 -42.01
CA GLU A 139 -13.52 27.57 -42.04
C GLU A 139 -12.37 28.04 -41.17
N LYS A 140 -12.43 27.85 -39.85
CA LYS A 140 -11.39 28.39 -38.94
C LYS A 140 -10.07 27.62 -39.15
N SER A 141 -8.93 28.31 -39.17
CA SER A 141 -7.61 27.73 -39.38
C SER A 141 -6.82 27.55 -38.09
N PHE A 142 -5.75 26.77 -38.19
CA PHE A 142 -4.83 26.48 -37.09
C PHE A 142 -3.68 27.50 -37.06
N ASN A 143 -3.51 28.17 -35.93
CA ASN A 143 -2.41 29.12 -35.75
C ASN A 143 -1.22 28.42 -35.08
N GLU A 144 -0.20 29.19 -34.72
CA GLU A 144 1.04 28.62 -34.19
C GLU A 144 0.82 27.95 -32.84
N ASP A 145 0.07 28.62 -31.96
CA ASP A 145 -0.18 28.07 -30.63
C ASP A 145 -0.92 26.74 -30.74
N ASP A 146 -1.83 26.61 -31.71
CA ASP A 146 -2.55 25.37 -31.89
C ASP A 146 -1.60 24.23 -32.26
N LEU A 147 -0.56 24.53 -33.05
CA LEU A 147 0.43 23.51 -33.37
C LEU A 147 1.27 23.16 -32.15
N VAL A 148 1.62 24.15 -31.34
CA VAL A 148 2.34 23.86 -30.09
C VAL A 148 1.54 22.85 -29.27
N LEU A 149 0.24 23.11 -29.09
CA LEU A 149 -0.60 22.21 -28.30
C LEU A 149 -0.72 20.83 -28.96
N ALA A 150 -0.88 20.80 -30.28
CA ALA A 150 -1.02 19.54 -30.99
C ALA A 150 0.21 18.66 -30.82
N GLU A 151 1.40 19.23 -31.02
CA GLU A 151 2.63 18.46 -30.86
C GLU A 151 2.85 18.10 -29.39
N TYR A 152 2.41 18.95 -28.46
CA TYR A 152 2.43 18.59 -27.04
C TYR A 152 1.71 17.26 -26.83
N SER A 153 0.49 17.14 -27.36
CA SER A 153 -0.24 15.88 -27.22
C SER A 153 0.44 14.75 -27.99
N ALA A 154 0.98 15.08 -29.17
CA ALA A 154 1.63 14.09 -30.02
C ALA A 154 2.76 13.37 -29.28
N THR A 155 3.62 14.13 -28.60
CA THR A 155 4.76 13.50 -27.93
C THR A 155 4.30 12.58 -26.81
N VAL A 156 3.30 13.00 -26.05
CA VAL A 156 2.78 12.17 -24.96
C VAL A 156 2.28 10.84 -25.52
N VAL A 157 1.45 10.91 -26.56
CA VAL A 157 0.92 9.66 -27.12
C VAL A 157 2.04 8.82 -27.73
N GLY A 158 3.04 9.46 -28.33
CA GLY A 158 4.16 8.74 -28.89
C GLY A 158 4.88 7.91 -27.83
N MET A 159 5.17 8.53 -26.69
CA MET A 159 5.90 7.78 -25.65
C MET A 159 5.01 6.71 -25.02
N GLN A 160 3.71 6.95 -24.92
CA GLN A 160 2.83 5.89 -24.41
C GLN A 160 2.86 4.68 -25.35
N ILE A 161 2.83 4.93 -26.66
CA ILE A 161 2.91 3.82 -27.62
C ILE A 161 4.23 3.09 -27.48
N LEU A 162 5.33 3.85 -27.42
CA LEU A 162 6.66 3.23 -27.30
C LEU A 162 6.74 2.36 -26.06
N TYR A 163 6.19 2.82 -24.94
CA TYR A 163 6.24 2.05 -23.70
C TYR A 163 5.45 0.75 -23.82
N HIS A 164 4.19 0.84 -24.30
CA HIS A 164 3.39 -0.36 -24.46
C HIS A 164 4.08 -1.37 -25.38
N GLN A 165 4.70 -0.88 -26.45
CA GLN A 165 5.35 -1.77 -27.41
C GLN A 165 6.59 -2.41 -26.80
N SER A 166 7.38 -1.63 -26.05
CA SER A 166 8.55 -2.18 -25.39
C SER A 166 8.13 -3.28 -24.43
N ARG A 167 7.03 -3.08 -23.69
CA ARG A 167 6.57 -4.10 -22.77
C ARG A 167 6.17 -5.37 -23.51
N THR A 168 5.46 -5.24 -24.63
CA THR A 168 5.05 -6.43 -25.36
C THR A 168 6.26 -7.23 -25.84
N ILE A 169 7.24 -6.54 -26.43
CA ILE A 169 8.43 -7.24 -26.92
C ILE A 169 9.20 -7.89 -25.77
N GLU A 170 9.39 -7.15 -24.67
CA GLU A 170 10.13 -7.71 -23.54
C GLU A 170 9.43 -8.93 -22.98
N ALA A 171 8.10 -8.91 -22.92
CA ALA A 171 7.36 -10.05 -22.39
C ALA A 171 7.60 -11.28 -23.26
N GLU A 172 7.45 -11.13 -24.58
CA GLU A 172 7.64 -12.31 -25.43
C GLU A 172 9.09 -12.80 -25.38
N VAL A 173 10.05 -11.89 -25.26
CA VAL A 173 11.45 -12.32 -25.20
C VAL A 173 11.74 -13.07 -23.90
N ARG A 174 11.16 -12.62 -22.79
CA ARG A 174 11.33 -13.35 -21.54
C ARG A 174 10.74 -14.75 -21.65
N SER A 175 9.54 -14.85 -22.24
CA SER A 175 8.91 -16.15 -22.41
C SER A 175 9.79 -17.07 -23.26
N ALA A 176 10.40 -16.52 -24.32
CA ALA A 176 11.24 -17.34 -25.19
C ALA A 176 12.52 -17.77 -24.48
N THR A 177 13.12 -16.88 -23.68
CA THR A 177 14.34 -17.23 -22.96
C THR A 177 14.09 -18.32 -21.92
N ALA A 178 12.92 -18.32 -21.28
CA ALA A 178 12.65 -19.29 -20.23
C ALA A 178 12.72 -20.73 -20.72
N VAL A 179 12.07 -21.02 -21.85
CA VAL A 179 12.03 -22.40 -22.34
C VAL A 179 13.42 -22.92 -22.66
N GLN A 180 14.22 -22.12 -23.36
CA GLN A 180 15.57 -22.56 -23.69
C GLN A 180 16.40 -22.76 -22.44
N MET A 181 16.30 -21.82 -21.50
CA MET A 181 17.07 -21.92 -20.26
C MET A 181 16.69 -23.16 -19.46
N ALA A 182 15.42 -23.55 -19.50
CA ALA A 182 14.99 -24.73 -18.76
C ALA A 182 15.44 -26.01 -19.47
N ILE A 183 15.18 -26.12 -20.77
CA ILE A 183 15.55 -27.34 -21.49
C ILE A 183 17.05 -27.55 -21.47
N ASN A 184 17.84 -26.48 -21.38
CA ASN A 184 19.29 -26.66 -21.33
C ASN A 184 19.77 -27.31 -20.04
N THR A 185 18.90 -27.57 -19.07
CA THR A 185 19.28 -28.22 -17.83
C THR A 185 18.83 -29.67 -17.73
N LEU A 186 17.93 -30.11 -18.60
CA LEU A 186 17.50 -31.50 -18.58
C LEU A 186 18.58 -32.43 -19.09
N SER A 187 18.61 -33.64 -18.53
CA SER A 187 19.52 -34.66 -19.02
C SER A 187 18.88 -35.38 -20.21
N TYR A 188 19.62 -36.34 -20.78
CA TYR A 188 19.12 -37.09 -21.93
C TYR A 188 17.84 -37.83 -21.59
N SER A 189 17.86 -38.66 -20.55
CA SER A 189 16.68 -39.44 -20.19
C SER A 189 15.54 -38.53 -19.77
N GLU A 190 15.84 -37.45 -19.05
CA GLU A 190 14.80 -36.50 -18.67
C GLU A 190 14.17 -35.87 -19.90
N LEU A 191 14.99 -35.53 -20.90
CA LEU A 191 14.48 -34.94 -22.12
C LEU A 191 13.59 -35.94 -22.88
N LYS A 192 14.03 -37.20 -22.95
CA LYS A 192 13.19 -38.24 -23.55
C LYS A 192 11.85 -38.32 -22.84
N ALA A 193 11.86 -38.22 -21.51
CA ALA A 193 10.62 -38.30 -20.75
C ALA A 193 9.71 -37.11 -21.04
N VAL A 194 10.28 -35.91 -21.11
CA VAL A 194 9.49 -34.72 -21.43
C VAL A 194 8.84 -34.88 -22.80
N HIS A 195 9.64 -35.29 -23.80
CA HIS A 195 9.09 -35.52 -25.13
C HIS A 195 7.94 -36.50 -25.08
N ALA A 196 8.16 -37.66 -24.46
CA ALA A 196 7.13 -38.69 -24.42
C ALA A 196 5.86 -38.18 -23.75
N ILE A 197 6.01 -37.50 -22.62
CA ILE A 197 4.84 -37.09 -21.84
C ILE A 197 4.03 -36.05 -22.60
N PHE A 198 4.70 -35.04 -23.16
CA PHE A 198 3.91 -34.00 -23.82
C PHE A 198 3.44 -34.41 -25.20
N GLU A 199 4.04 -35.43 -25.81
CA GLU A 199 3.43 -36.00 -27.00
C GLU A 199 2.23 -36.86 -26.64
N ALA A 200 2.27 -37.53 -25.49
CA ALA A 200 1.13 -38.32 -25.03
C ALA A 200 -0.03 -37.42 -24.61
N LEU A 201 0.28 -36.31 -23.97
CA LEU A 201 -0.77 -35.39 -23.46
C LEU A 201 -1.63 -34.91 -24.63
N ASP A 202 -1.02 -34.72 -25.78
CA ASP A 202 -1.69 -34.29 -27.05
C ASP A 202 -2.58 -33.09 -26.78
N GLY A 203 -2.07 -32.08 -26.12
CA GLY A 203 -2.89 -30.89 -25.85
C GLY A 203 -2.16 -29.95 -24.93
N GLU A 204 -2.79 -28.87 -24.55
CA GLU A 204 -2.20 -27.90 -23.63
C GLU A 204 -2.38 -28.27 -22.16
N GLU A 205 -3.36 -29.11 -21.83
CA GLU A 205 -3.62 -29.51 -20.45
C GLU A 205 -4.29 -30.86 -20.45
N GLY A 206 -4.22 -31.56 -19.33
CA GLY A 206 -4.86 -32.85 -19.23
C GLY A 206 -4.35 -33.65 -18.06
N ARG A 207 -4.69 -34.94 -18.08
CA ARG A 207 -4.32 -35.90 -17.06
C ARG A 207 -3.75 -37.14 -17.73
N LEU A 208 -2.78 -37.77 -17.07
CA LEU A 208 -2.21 -39.01 -17.59
C LEU A 208 -1.58 -39.75 -16.42
N THR A 209 -0.98 -40.90 -16.73
CA THR A 209 -0.27 -41.71 -15.73
C THR A 209 1.20 -41.70 -16.09
N ALA A 210 2.01 -41.08 -15.24
CA ALA A 210 3.43 -40.91 -15.55
C ALA A 210 4.19 -42.21 -15.40
N SER A 211 3.87 -43.01 -14.38
CA SER A 211 4.58 -44.25 -14.16
C SER A 211 4.38 -45.22 -15.32
N SER A 212 3.16 -45.26 -15.87
CA SER A 212 2.90 -46.12 -17.01
C SER A 212 3.78 -45.72 -18.18
N ILE A 213 3.77 -44.43 -18.54
CA ILE A 213 4.61 -43.97 -19.64
C ILE A 213 6.08 -44.25 -19.37
N ALA A 214 6.51 -44.06 -18.12
CA ALA A 214 7.89 -44.36 -17.76
C ALA A 214 8.25 -45.80 -18.06
N ASP A 215 7.38 -46.74 -17.66
CA ASP A 215 7.61 -48.15 -17.95
C ASP A 215 7.50 -48.44 -19.44
N GLU A 216 6.72 -47.64 -20.16
CA GLU A 216 6.47 -47.88 -21.57
C GLU A 216 7.67 -47.54 -22.43
N ILE A 217 8.53 -46.63 -21.97
CA ILE A 217 9.70 -46.19 -22.72
C ILE A 217 10.99 -46.64 -22.06
N GLY A 218 10.92 -47.42 -20.99
CA GLY A 218 12.11 -47.93 -20.35
C GLY A 218 12.87 -46.85 -19.61
N ILE A 219 12.16 -46.04 -18.83
CA ILE A 219 12.76 -44.98 -18.02
C ILE A 219 12.21 -45.08 -16.61
N THR A 220 13.06 -44.79 -15.63
CA THR A 220 12.65 -44.84 -14.22
C THR A 220 11.65 -43.74 -13.91
N ARG A 221 10.70 -44.05 -13.02
CA ARG A 221 9.66 -43.07 -12.67
C ARG A 221 10.25 -41.82 -12.04
N SER A 222 11.34 -41.98 -11.28
CA SER A 222 11.94 -40.84 -10.61
C SER A 222 12.46 -39.83 -11.63
N VAL A 223 12.88 -40.30 -12.80
CA VAL A 223 13.35 -39.37 -13.83
C VAL A 223 12.22 -38.48 -14.28
N ILE A 224 11.03 -39.05 -14.47
CA ILE A 224 9.89 -38.24 -14.86
C ILE A 224 9.53 -37.23 -13.79
N VAL A 225 9.45 -37.69 -12.53
CA VAL A 225 9.13 -36.76 -11.45
C VAL A 225 10.13 -35.60 -11.43
N ASN A 226 11.42 -35.93 -11.47
CA ASN A 226 12.45 -34.89 -11.38
C ASN A 226 12.40 -33.95 -12.58
N ALA A 227 12.12 -34.47 -13.77
CA ALA A 227 12.03 -33.62 -14.96
C ALA A 227 10.84 -32.67 -14.85
N LEU A 228 9.67 -33.18 -14.48
CA LEU A 228 8.52 -32.31 -14.30
C LEU A 228 8.78 -31.29 -13.19
N ARG A 229 9.61 -31.63 -12.20
CA ARG A 229 9.95 -30.67 -11.17
C ARG A 229 10.85 -29.57 -11.72
N LYS A 230 11.82 -29.93 -12.56
CA LYS A 230 12.63 -28.93 -13.21
C LYS A 230 11.80 -28.00 -14.08
N LEU A 231 10.74 -28.53 -14.70
CA LEU A 231 9.86 -27.66 -15.49
C LEU A 231 9.01 -26.77 -14.59
N GLU A 232 8.45 -27.33 -13.53
CA GLU A 232 7.66 -26.53 -12.59
C GLU A 232 8.48 -25.39 -12.02
N SER A 233 9.76 -25.63 -11.73
CA SER A 233 10.61 -24.59 -11.16
C SER A 233 10.58 -23.32 -12.00
N ALA A 234 10.70 -23.46 -13.32
CA ALA A 234 10.74 -22.33 -14.23
C ALA A 234 9.36 -21.83 -14.64
N GLY A 235 8.29 -22.27 -13.97
CA GLY A 235 6.97 -21.80 -14.29
C GLY A 235 6.51 -22.18 -15.68
N ILE A 236 7.16 -23.15 -16.31
CA ILE A 236 6.76 -23.56 -17.65
C ILE A 236 5.47 -24.36 -17.60
N ILE A 237 5.24 -25.12 -16.52
CA ILE A 237 4.05 -25.96 -16.38
C ILE A 237 3.55 -25.86 -14.94
N GLU A 238 2.39 -26.47 -14.71
CA GLU A 238 1.79 -26.54 -13.38
C GLU A 238 1.30 -27.98 -13.21
N SER A 239 2.03 -28.76 -12.44
CA SER A 239 1.70 -30.16 -12.20
C SER A 239 1.02 -30.26 -10.85
N ARG A 240 0.11 -31.22 -10.72
CA ARG A 240 -0.57 -31.51 -9.46
C ARG A 240 -0.80 -33.00 -9.38
N SER A 241 -0.55 -33.57 -8.20
CA SER A 241 -0.66 -35.00 -8.03
C SER A 241 -2.11 -35.39 -7.75
N LEU A 242 -2.61 -36.36 -8.52
CA LEU A 242 -3.93 -36.93 -8.30
C LEU A 242 -3.85 -38.33 -7.71
N GLY A 243 -2.71 -38.68 -7.12
CA GLY A 243 -2.58 -39.97 -6.48
C GLY A 243 -2.83 -41.10 -7.45
N MET A 244 -3.83 -41.93 -7.15
CA MET A 244 -4.10 -43.12 -7.93
C MET A 244 -4.59 -42.81 -9.34
N LYS A 245 -5.03 -41.58 -9.60
CA LYS A 245 -5.48 -41.18 -10.91
C LYS A 245 -4.35 -40.67 -11.80
N GLY A 246 -3.12 -40.59 -11.29
CA GLY A 246 -2.00 -40.15 -12.10
C GLY A 246 -1.54 -38.74 -11.79
N THR A 247 -1.04 -38.05 -12.82
CA THR A 247 -0.58 -36.68 -12.71
C THR A 247 -1.38 -35.79 -13.64
N TYR A 248 -1.64 -34.58 -13.18
CA TYR A 248 -2.34 -33.55 -13.93
C TYR A 248 -1.30 -32.54 -14.43
N LEU A 249 -1.40 -32.16 -15.71
CA LEU A 249 -0.46 -31.25 -16.33
C LEU A 249 -1.20 -30.09 -16.97
N LYS A 250 -0.58 -28.91 -16.91
CA LYS A 250 -1.07 -27.71 -17.57
C LYS A 250 0.14 -26.94 -18.08
N VAL A 251 0.10 -26.56 -19.36
CA VAL A 251 1.20 -25.85 -20.00
C VAL A 251 0.95 -24.35 -19.89
N LEU A 252 1.86 -23.64 -19.22
CA LEU A 252 1.74 -22.20 -19.06
C LEU A 252 2.44 -21.44 -20.19
N ASN A 253 3.67 -21.84 -20.51
CA ASN A 253 4.44 -21.20 -21.56
C ASN A 253 4.02 -21.74 -22.92
N GLN A 254 3.60 -20.84 -23.82
CA GLN A 254 3.09 -21.27 -25.12
C GLN A 254 4.20 -21.65 -26.10
N GLN A 255 5.40 -21.10 -25.93
CA GLN A 255 6.52 -21.43 -26.80
C GLN A 255 7.18 -22.76 -26.44
N PHE A 256 6.63 -23.51 -25.49
CA PHE A 256 7.25 -24.75 -25.04
C PHE A 256 7.00 -25.88 -26.03
N ILE A 257 5.73 -26.12 -26.37
CA ILE A 257 5.39 -27.16 -27.32
C ILE A 257 6.10 -26.91 -28.65
N LYS A 258 6.33 -25.64 -28.97
CA LYS A 258 7.01 -25.30 -30.21
C LYS A 258 8.46 -25.77 -30.17
N GLU A 259 9.17 -25.46 -29.08
CA GLU A 259 10.56 -25.89 -28.94
C GLU A 259 10.67 -27.41 -28.82
N LEU A 260 9.63 -28.09 -28.34
CA LEU A 260 9.67 -29.55 -28.30
C LEU A 260 9.52 -30.14 -29.70
N GLU A 261 8.52 -29.69 -30.46
CA GLU A 261 8.35 -30.19 -31.82
C GLU A 261 9.57 -29.91 -32.68
N LYS A 262 10.37 -28.92 -32.32
CA LYS A 262 11.59 -28.58 -33.06
C LYS A 262 12.70 -29.57 -32.74
N ALA B 2 7.79 35.78 -31.49
CA ALA B 2 7.88 35.25 -30.10
C ALA B 2 7.20 33.89 -29.98
N MET B 3 6.14 33.68 -30.78
CA MET B 3 5.45 32.40 -30.77
C MET B 3 6.13 31.40 -31.70
N ALA B 4 6.61 31.87 -32.86
CA ALA B 4 7.33 30.98 -33.77
C ALA B 4 8.56 30.41 -33.08
N THR B 5 9.32 31.26 -32.39
CA THR B 5 10.48 30.79 -31.65
C THR B 5 10.07 29.78 -30.57
N LEU B 6 8.92 30.00 -29.95
CA LEU B 6 8.42 29.05 -28.95
C LEU B 6 8.16 27.69 -29.58
N LEU B 7 7.48 27.67 -30.73
CA LEU B 7 7.24 26.41 -31.41
C LEU B 7 8.54 25.74 -31.79
N GLU B 8 9.50 26.52 -32.29
CA GLU B 8 10.80 25.95 -32.63
C GLU B 8 11.47 25.32 -31.42
N LYS B 9 11.43 25.99 -30.27
CA LYS B 9 12.05 25.42 -29.07
C LYS B 9 11.32 24.15 -28.61
N THR B 10 9.99 24.14 -28.65
CA THR B 10 9.28 22.92 -28.27
C THR B 10 9.66 21.78 -29.21
N ARG B 11 9.83 22.08 -30.50
CA ARG B 11 10.26 21.07 -31.45
C ARG B 11 11.70 20.63 -31.18
N GLN B 12 12.55 21.58 -30.78
CA GLN B 12 13.94 21.25 -30.47
C GLN B 12 14.03 20.32 -29.28
N VAL B 13 13.15 20.49 -28.30
CA VAL B 13 13.14 19.58 -27.15
C VAL B 13 12.53 18.23 -27.55
N ASN B 14 11.50 18.26 -28.41
CA ASN B 14 10.92 17.02 -28.90
C ASN B 14 11.93 16.19 -29.69
N GLU B 15 12.77 16.86 -30.49
CA GLU B 15 13.71 16.16 -31.35
C GLU B 15 14.74 15.37 -30.57
N LEU B 16 15.13 15.87 -29.40
CA LEU B 16 16.19 15.24 -28.62
C LEU B 16 15.69 14.02 -27.85
N LEU B 17 14.39 13.91 -27.63
CA LEU B 17 13.87 12.76 -26.89
C LEU B 17 14.24 11.47 -27.60
N GLN B 18 14.42 11.51 -28.92
CA GLN B 18 14.74 10.31 -29.68
C GLN B 18 16.01 9.68 -29.14
N LYS B 19 17.08 10.48 -29.08
CA LYS B 19 18.38 9.99 -28.66
C LYS B 19 18.49 9.90 -27.14
N ASN B 20 17.77 10.75 -26.40
CA ASN B 20 17.84 10.71 -24.95
C ASN B 20 17.13 9.49 -24.36
N ASN B 21 16.09 8.99 -25.05
CA ASN B 21 15.41 7.80 -24.54
C ASN B 21 16.37 6.62 -24.43
N LEU B 22 17.27 6.46 -25.40
CA LEU B 22 18.35 5.49 -25.25
C LEU B 22 19.24 5.92 -24.09
N PHE B 23 19.23 5.15 -23.00
CA PHE B 23 19.86 5.58 -21.76
C PHE B 23 20.79 4.50 -21.22
N ASP B 24 21.75 4.94 -20.40
CA ASP B 24 22.70 4.07 -19.72
C ASP B 24 22.66 4.38 -18.22
N VAL B 25 22.32 3.38 -17.41
CA VAL B 25 22.20 3.59 -15.97
C VAL B 25 23.54 3.90 -15.32
N GLN B 26 24.65 3.57 -15.98
CA GLN B 26 25.99 3.87 -15.45
C GLN B 26 26.38 5.32 -15.62
N ALA B 27 25.47 6.19 -16.08
CA ALA B 27 25.83 7.59 -16.28
C ALA B 27 25.73 8.37 -14.98
N GLU B 28 24.89 7.91 -14.05
CA GLU B 28 24.69 8.50 -12.73
C GLU B 28 24.00 9.85 -12.81
N LEU B 29 23.69 10.34 -14.01
CA LEU B 29 23.06 11.66 -14.19
C LEU B 29 22.23 11.59 -15.45
N PRO B 30 21.07 10.92 -15.41
CA PRO B 30 20.33 10.65 -16.64
C PRO B 30 19.77 11.86 -17.35
N TYR B 31 19.01 12.65 -16.62
CA TYR B 31 18.33 13.83 -17.17
C TYR B 31 19.25 15.00 -17.43
N ASN B 32 20.51 14.93 -16.98
CA ASN B 32 21.44 16.04 -17.18
C ASN B 32 21.44 16.52 -18.63
N LYS B 33 21.44 15.60 -19.60
CA LYS B 33 21.35 16.01 -21.00
C LYS B 33 20.14 16.89 -21.24
N MET B 34 18.97 16.44 -20.77
CA MET B 34 17.75 17.23 -20.89
C MET B 34 17.89 18.56 -20.16
N ALA B 35 18.62 18.57 -19.04
CA ALA B 35 18.82 19.80 -18.29
C ALA B 35 19.62 20.80 -19.11
N MET B 36 20.69 20.34 -19.75
CA MET B 36 21.47 21.23 -20.61
C MET B 36 20.60 21.81 -21.70
N ILE B 37 19.81 20.96 -22.35
CA ILE B 37 18.93 21.43 -23.42
C ILE B 37 18.03 22.56 -22.91
N LEU B 38 17.35 22.32 -21.78
CA LEU B 38 16.41 23.30 -21.25
C LEU B 38 17.11 24.58 -20.82
N GLY B 39 18.30 24.45 -20.22
CA GLY B 39 19.07 25.63 -19.90
C GLY B 39 19.41 26.43 -21.15
N ASP B 40 19.73 25.73 -22.24
CA ASP B 40 20.16 26.41 -23.45
C ASP B 40 19.03 27.20 -24.07
N ILE B 41 17.88 26.56 -24.27
CA ILE B 41 16.79 27.33 -24.86
C ILE B 41 16.30 28.43 -23.91
N LEU B 42 16.41 28.24 -22.59
CA LEU B 42 15.99 29.29 -21.67
C LEU B 42 17.12 30.20 -21.21
N GLU B 43 18.37 29.92 -21.57
CA GLU B 43 19.52 30.72 -21.12
C GLU B 43 19.46 30.93 -19.61
N SER B 44 19.30 29.83 -18.88
CA SER B 44 19.14 29.93 -17.43
C SER B 44 19.67 28.66 -16.78
N ASN B 45 20.00 28.79 -15.49
CA ASN B 45 20.42 27.64 -14.70
C ASN B 45 19.23 26.73 -14.44
N ALA B 46 19.47 25.42 -14.50
CA ALA B 46 18.42 24.42 -14.35
C ALA B 46 18.90 23.32 -13.41
N TYR B 47 17.99 22.85 -12.56
CA TYR B 47 18.26 21.76 -11.65
C TYR B 47 17.06 20.84 -11.59
N ILE B 48 17.31 19.54 -11.40
CA ILE B 48 16.27 18.54 -11.32
C ILE B 48 16.55 17.70 -10.07
N ILE B 49 15.58 17.65 -9.16
CA ILE B 49 15.75 16.95 -7.89
C ILE B 49 14.55 16.03 -7.70
N SER B 50 14.76 15.01 -6.86
CA SER B 50 13.68 14.12 -6.48
C SER B 50 12.89 14.73 -5.33
N SER B 51 11.83 14.04 -4.89
CA SER B 51 11.05 14.56 -3.78
C SER B 51 11.86 14.58 -2.48
N SER B 52 12.83 13.66 -2.35
CA SER B 52 13.69 13.63 -1.17
C SER B 52 14.88 14.56 -1.28
N GLY B 53 15.23 14.99 -2.48
CA GLY B 53 16.37 15.86 -2.71
C GLY B 53 17.48 15.26 -3.54
N ASP B 54 17.42 13.97 -3.87
CA ASP B 54 18.47 13.36 -4.67
C ASP B 54 18.54 14.04 -6.05
N LEU B 55 19.73 14.50 -6.40
CA LEU B 55 19.94 15.18 -7.68
C LEU B 55 19.87 14.20 -8.84
N LEU B 56 19.12 14.57 -9.89
CA LEU B 56 18.98 13.73 -11.08
C LEU B 56 19.45 14.42 -12.34
N GLY B 57 19.87 15.68 -12.26
CA GLY B 57 20.29 16.44 -13.43
C GLY B 57 20.50 17.90 -13.10
N TYR B 58 21.50 18.51 -13.72
CA TYR B 58 21.83 19.89 -13.42
C TYR B 58 22.66 20.45 -14.57
N THR B 59 22.80 21.78 -14.57
CA THR B 59 23.59 22.53 -15.58
C THR B 59 23.96 23.90 -15.01
N GLU B 60 25.24 24.24 -15.00
CA GLU B 60 25.66 25.54 -14.41
C GLU B 60 25.84 26.59 -15.52
N LYS B 61 24.76 27.10 -16.08
CA LYS B 61 24.93 28.14 -17.14
C LYS B 61 25.58 29.35 -16.49
N LEU B 62 24.92 29.94 -15.49
CA LEU B 62 25.42 31.16 -14.79
C LEU B 62 26.37 30.77 -13.66
N ASP B 63 26.97 31.76 -13.00
CA ASP B 63 27.94 31.51 -11.90
C ASP B 63 27.20 31.49 -10.54
N VAL B 64 27.57 30.53 -9.68
CA VAL B 64 26.95 30.32 -8.35
C VAL B 64 27.83 30.96 -7.26
N ASN B 65 29.12 31.10 -7.52
CA ASN B 65 30.11 31.73 -6.60
C ASN B 65 29.88 31.29 -5.14
N ASN B 66 29.89 29.98 -4.92
CA ASN B 66 29.80 29.34 -3.58
C ASN B 66 30.30 27.92 -3.81
N ALA B 67 31.59 27.68 -3.58
CA ALA B 67 32.14 26.32 -3.72
C ALA B 67 31.29 25.38 -2.86
N ARG B 68 30.48 25.97 -2.00
CA ARG B 68 29.54 25.16 -1.16
C ARG B 68 28.47 24.54 -2.07
N ILE B 69 27.95 25.30 -3.04
CA ILE B 69 26.93 24.73 -3.97
C ILE B 69 27.61 23.73 -4.90
N LYS B 70 28.84 24.00 -5.37
CA LYS B 70 29.51 23.02 -6.26
C LYS B 70 29.56 21.66 -5.56
N ASN B 71 29.81 21.64 -4.26
CA ASN B 71 29.86 20.36 -3.50
C ASN B 71 28.49 19.69 -3.58
N MET B 72 27.42 20.47 -3.44
CA MET B 72 26.04 19.93 -3.55
C MET B 72 25.98 19.20 -4.89
N PHE B 73 26.51 19.80 -5.95
CA PHE B 73 26.47 19.06 -7.21
C PHE B 73 27.28 17.77 -7.11
N LYS B 74 28.46 17.84 -6.49
CA LYS B 74 29.33 16.66 -6.40
C LYS B 74 28.67 15.54 -5.58
N GLU B 75 28.13 15.88 -4.41
CA GLU B 75 27.51 14.90 -3.52
C GLU B 75 26.20 14.35 -4.06
N LYS B 76 25.63 14.96 -5.09
CA LYS B 76 24.37 14.48 -5.67
C LYS B 76 23.26 14.45 -4.64
N LYS B 77 23.15 15.54 -3.88
CA LYS B 77 22.13 15.68 -2.84
C LYS B 77 21.94 17.15 -2.53
N PHE B 78 20.74 17.65 -2.75
CA PHE B 78 20.42 19.02 -2.39
C PHE B 78 20.13 19.10 -0.89
N PRO B 79 20.20 20.29 -0.30
CA PRO B 79 19.95 20.40 1.14
C PRO B 79 18.52 20.00 1.48
N GLN B 80 18.39 19.14 2.49
CA GLN B 80 17.08 18.61 2.84
C GLN B 80 16.09 19.73 3.18
N GLY B 81 16.57 20.83 3.75
CA GLY B 81 15.66 21.91 4.11
C GLY B 81 15.04 22.57 2.90
N TYR B 82 15.87 22.89 1.91
CA TYR B 82 15.36 23.53 0.70
C TYR B 82 14.40 22.60 -0.05
N THR B 83 14.74 21.31 -0.12
CA THR B 83 13.87 20.35 -0.78
C THR B 83 12.54 20.23 -0.05
N GLU B 84 12.57 20.18 1.29
CA GLU B 84 11.33 20.10 2.04
C GLU B 84 10.53 21.39 1.98
N ALA B 85 11.18 22.51 1.64
CA ALA B 85 10.45 23.74 1.42
C ALA B 85 9.75 23.72 0.07
N VAL B 86 10.43 23.26 -0.98
CA VAL B 86 9.81 23.24 -2.30
C VAL B 86 8.79 22.11 -2.46
N ASP B 87 8.87 21.06 -1.64
CA ASP B 87 7.94 19.93 -1.78
C ASP B 87 6.48 20.32 -1.49
N MET B 88 6.24 21.40 -0.77
CA MET B 88 4.87 21.75 -0.42
C MET B 88 4.14 22.48 -1.53
N LEU B 89 4.86 22.94 -2.55
CA LEU B 89 4.30 23.69 -3.66
C LEU B 89 3.41 22.77 -4.49
N LYS B 90 2.10 22.97 -4.47
CA LYS B 90 1.23 22.15 -5.33
C LYS B 90 1.43 22.48 -6.80
N VAL B 91 1.38 23.76 -7.18
CA VAL B 91 1.43 24.16 -8.57
C VAL B 91 2.70 24.97 -8.81
N THR B 92 2.92 25.30 -10.08
CA THR B 92 4.12 26.03 -10.48
C THR B 92 4.15 27.43 -9.91
N GLU B 93 5.34 27.88 -9.51
CA GLU B 93 5.58 29.27 -9.14
C GLU B 93 6.77 29.78 -9.91
N ALA B 94 6.63 30.98 -10.46
CA ALA B 94 7.65 31.59 -11.31
C ALA B 94 7.97 32.99 -10.81
N ASN B 95 9.11 33.49 -11.26
CA ASN B 95 9.55 34.85 -10.94
C ASN B 95 9.64 35.04 -9.43
N ILE B 96 10.32 34.11 -8.77
CA ILE B 96 10.51 34.16 -7.32
C ILE B 96 11.64 35.15 -7.03
N PRO B 97 11.42 36.17 -6.19
CA PRO B 97 12.51 37.13 -5.93
C PRO B 97 13.70 36.51 -5.23
N ILE B 98 14.70 37.32 -4.93
CA ILE B 98 15.89 36.81 -4.28
C ILE B 98 15.68 36.67 -2.78
N ASP B 99 14.87 37.55 -2.19
CA ASP B 99 14.65 37.55 -0.75
C ASP B 99 13.93 36.29 -0.28
N SER B 100 13.22 35.60 -1.17
CA SER B 100 12.47 34.42 -0.76
C SER B 100 13.42 33.24 -0.49
N ASP B 101 13.06 32.43 0.49
CA ASP B 101 13.87 31.26 0.85
C ASP B 101 13.83 30.19 -0.23
N LEU B 102 12.83 30.20 -1.11
CA LEU B 102 12.78 29.26 -2.22
C LEU B 102 13.74 29.64 -3.35
N THR B 103 14.58 30.66 -3.13
CA THR B 103 15.50 31.10 -4.17
C THR B 103 16.61 30.08 -4.36
N ALA B 104 17.03 29.92 -5.61
CA ALA B 104 18.13 29.03 -5.94
C ALA B 104 19.51 29.65 -5.73
N PHE B 105 19.56 30.94 -5.40
CA PHE B 105 20.84 31.61 -5.20
C PHE B 105 21.38 31.39 -3.80
N PRO B 106 22.70 31.45 -3.64
CA PRO B 106 23.31 31.29 -2.30
C PRO B 106 22.93 32.44 -1.37
N PHE B 107 22.76 32.11 -0.09
CA PHE B 107 22.52 33.15 0.90
C PHE B 107 23.75 34.02 1.14
N GLU B 108 24.92 33.55 0.70
CA GLU B 108 26.10 34.42 0.68
C GLU B 108 25.88 35.61 -0.23
N SER B 109 25.37 35.38 -1.42
CA SER B 109 25.18 36.41 -2.43
C SER B 109 23.70 36.62 -2.70
N ARG B 110 23.05 37.38 -1.81
CA ARG B 110 21.67 37.80 -2.05
C ARG B 110 21.60 39.22 -2.58
N GLU B 111 22.52 40.09 -2.15
CA GLU B 111 22.65 41.42 -2.72
C GLU B 111 23.62 41.46 -3.89
N LEU B 112 24.41 40.39 -4.07
CA LEU B 112 25.34 40.34 -5.19
C LEU B 112 24.59 40.16 -6.51
N TYR B 113 23.47 39.44 -6.46
CA TYR B 113 22.57 39.24 -7.59
C TYR B 113 21.19 39.65 -7.11
N PRO B 114 20.98 40.96 -6.89
CA PRO B 114 19.70 41.42 -6.34
C PRO B 114 18.52 41.16 -7.25
N PHE B 115 18.70 41.27 -8.57
CA PHE B 115 17.62 41.10 -9.52
C PHE B 115 17.36 39.65 -9.87
N GLY B 116 18.17 38.72 -9.36
CA GLY B 116 18.01 37.33 -9.74
C GLY B 116 16.62 36.82 -9.43
N LEU B 117 16.08 36.03 -10.36
CA LEU B 117 14.75 35.47 -10.23
C LEU B 117 14.84 33.95 -10.30
N THR B 118 13.83 33.28 -9.76
CA THR B 118 13.83 31.82 -9.69
C THR B 118 12.42 31.29 -9.93
N THR B 119 12.36 30.10 -10.52
CA THR B 119 11.10 29.45 -10.85
C THR B 119 11.17 28.00 -10.41
N ILE B 120 10.05 27.48 -9.93
CA ILE B 120 9.96 26.09 -9.47
C ILE B 120 8.80 25.44 -10.20
N VAL B 121 9.03 24.26 -10.78
CA VAL B 121 8.02 23.53 -11.51
C VAL B 121 7.96 22.12 -10.93
N PRO B 122 6.85 21.71 -10.32
CA PRO B 122 6.78 20.35 -9.76
C PRO B 122 6.44 19.32 -10.82
N LEU B 123 6.87 18.08 -10.57
CA LEU B 123 6.61 16.96 -11.46
C LEU B 123 5.68 15.96 -10.78
N TYR B 124 4.67 15.50 -11.51
CA TYR B 124 3.66 14.62 -10.95
C TYR B 124 3.36 13.45 -11.87
N GLY B 125 2.93 12.35 -11.27
CA GLY B 125 2.49 11.19 -12.01
C GLY B 125 1.47 10.44 -11.17
N ALA B 126 0.43 9.88 -11.80
CA ALA B 126 -0.61 9.20 -11.04
C ALA B 126 -1.14 10.18 -10.01
N GLY B 127 -0.90 9.90 -8.73
CA GLY B 127 -1.34 10.80 -7.67
C GLY B 127 -0.20 11.18 -6.75
N LYS B 128 1.05 10.99 -7.19
CA LYS B 128 2.18 11.32 -6.35
C LYS B 128 3.22 12.20 -7.05
N ARG B 129 3.93 12.96 -6.22
CA ARG B 129 5.00 13.84 -6.62
C ARG B 129 6.25 13.04 -6.95
N LEU B 130 6.76 13.18 -8.18
CA LEU B 130 7.95 12.45 -8.58
C LEU B 130 9.24 13.26 -8.45
N GLY B 131 9.16 14.58 -8.43
CA GLY B 131 10.34 15.40 -8.28
C GLY B 131 10.07 16.88 -8.41
N THR B 132 11.05 17.64 -8.87
CA THR B 132 10.91 19.08 -8.99
C THR B 132 12.01 19.64 -9.89
N ILE B 133 11.66 20.65 -10.67
CA ILE B 133 12.59 21.37 -11.53
C ILE B 133 12.75 22.78 -10.99
N ILE B 134 13.97 23.29 -11.03
CA ILE B 134 14.30 24.60 -10.48
C ILE B 134 15.02 25.38 -11.57
N LEU B 135 14.55 26.60 -11.84
CA LEU B 135 15.15 27.46 -12.85
C LEU B 135 15.59 28.76 -12.20
N ALA B 136 16.70 29.32 -12.69
CA ALA B 136 17.28 30.51 -12.10
C ALA B 136 17.91 31.37 -13.18
N ARG B 137 17.80 32.69 -13.06
CA ARG B 137 18.26 33.68 -14.06
C ARG B 137 18.88 34.90 -13.40
N VAL B 138 19.78 35.59 -14.08
CA VAL B 138 20.39 36.86 -13.62
C VAL B 138 19.67 37.98 -14.38
N GLU B 139 18.91 38.86 -13.72
CA GLU B 139 18.22 40.03 -14.30
C GLU B 139 17.08 39.71 -15.28
N LYS B 140 17.33 38.99 -16.38
CA LYS B 140 16.31 38.62 -17.40
C LYS B 140 15.17 37.85 -16.74
N SER B 141 13.94 38.15 -17.07
CA SER B 141 12.80 37.52 -16.37
C SER B 141 12.15 36.41 -17.15
N PHE B 142 11.34 35.61 -16.45
CA PHE B 142 10.61 34.54 -17.10
C PHE B 142 9.25 35.09 -17.55
N ASN B 143 8.98 35.01 -18.85
CA ASN B 143 7.69 35.41 -19.38
C ASN B 143 6.79 34.18 -19.53
N GLU B 144 5.61 34.38 -20.12
CA GLU B 144 4.63 33.31 -20.20
C GLU B 144 5.12 32.19 -21.11
N ASP B 145 5.71 32.55 -22.26
CA ASP B 145 6.19 31.54 -23.21
C ASP B 145 7.25 30.66 -22.57
N ASP B 146 8.12 31.24 -21.76
CA ASP B 146 9.14 30.46 -21.07
C ASP B 146 8.49 29.45 -20.13
N LEU B 147 7.39 29.84 -19.50
CA LEU B 147 6.68 28.91 -18.62
C LEU B 147 6.02 27.80 -19.41
N VAL B 148 5.46 28.13 -20.59
CA VAL B 148 4.90 27.08 -21.45
C VAL B 148 5.97 26.03 -21.74
N LEU B 149 7.14 26.49 -22.19
CA LEU B 149 8.22 25.54 -22.51
C LEU B 149 8.67 24.77 -21.28
N ALA B 150 8.75 25.46 -20.14
CA ALA B 150 9.19 24.82 -18.92
C ALA B 150 8.26 23.67 -18.54
N GLU B 151 6.94 23.91 -18.57
CA GLU B 151 6.01 22.84 -18.22
C GLU B 151 6.00 21.73 -19.26
N TYR B 152 6.23 22.05 -20.54
CA TYR B 152 6.43 20.99 -21.53
C TYR B 152 7.54 20.03 -21.10
N SER B 153 8.71 20.60 -20.76
CA SER B 153 9.81 19.76 -20.33
C SER B 153 9.49 19.04 -19.02
N ALA B 154 8.79 19.73 -18.11
CA ALA B 154 8.41 19.12 -16.85
C ALA B 154 7.59 17.86 -17.07
N THR B 155 6.59 17.94 -17.94
CA THR B 155 5.73 16.77 -18.18
C THR B 155 6.52 15.65 -18.83
N VAL B 156 7.38 15.98 -19.81
CA VAL B 156 8.17 14.94 -20.46
C VAL B 156 9.01 14.19 -19.43
N VAL B 157 9.76 14.93 -18.61
CA VAL B 157 10.63 14.28 -17.64
C VAL B 157 9.81 13.53 -16.60
N GLY B 158 8.66 14.08 -16.21
CA GLY B 158 7.82 13.39 -15.23
C GLY B 158 7.41 12.02 -15.71
N MET B 159 6.92 11.92 -16.94
CA MET B 159 6.48 10.61 -17.41
C MET B 159 7.67 9.68 -17.69
N GLN B 160 8.82 10.22 -18.11
CA GLN B 160 9.98 9.35 -18.26
C GLN B 160 10.41 8.76 -16.91
N ILE B 161 10.38 9.57 -15.85
CA ILE B 161 10.71 9.07 -14.52
C ILE B 161 9.69 8.01 -14.10
N LEU B 162 8.40 8.29 -14.31
CA LEU B 162 7.37 7.34 -13.94
C LEU B 162 7.61 6.01 -14.65
N TYR B 163 7.97 6.06 -15.93
CA TYR B 163 8.21 4.82 -16.68
C TYR B 163 9.42 4.09 -16.15
N HIS B 164 10.53 4.79 -15.93
CA HIS B 164 11.73 4.12 -15.42
C HIS B 164 11.46 3.44 -14.09
N GLN B 165 10.74 4.11 -13.19
CA GLN B 165 10.49 3.52 -11.88
C GLN B 165 9.50 2.37 -11.96
N SER B 166 8.43 2.53 -12.76
CA SER B 166 7.48 1.44 -12.92
C SER B 166 8.17 0.21 -13.51
N ARG B 167 9.06 0.43 -14.47
CA ARG B 167 9.80 -0.66 -15.10
C ARG B 167 10.67 -1.37 -14.08
N THR B 168 11.38 -0.61 -13.24
CA THR B 168 12.22 -1.22 -12.22
C THR B 168 11.40 -2.01 -11.21
N ILE B 169 10.28 -1.43 -10.75
CA ILE B 169 9.46 -2.09 -9.74
C ILE B 169 8.85 -3.37 -10.29
N GLU B 170 8.26 -3.31 -11.48
CA GLU B 170 7.65 -4.50 -12.05
C GLU B 170 8.71 -5.57 -12.31
N ALA B 171 9.90 -5.16 -12.74
CA ALA B 171 10.94 -6.16 -13.00
C ALA B 171 11.31 -6.90 -11.72
N GLU B 172 11.57 -6.16 -10.64
CA GLU B 172 11.97 -6.84 -9.42
C GLU B 172 10.84 -7.70 -8.84
N VAL B 173 9.58 -7.24 -8.95
CA VAL B 173 8.49 -8.04 -8.40
C VAL B 173 8.32 -9.33 -9.20
N ARG B 174 8.48 -9.26 -10.53
CA ARG B 174 8.44 -10.46 -11.34
C ARG B 174 9.57 -11.42 -10.95
N SER B 175 10.77 -10.88 -10.74
CA SER B 175 11.90 -11.72 -10.31
C SER B 175 11.62 -12.40 -8.98
N ALA B 176 11.00 -11.68 -8.04
CA ALA B 176 10.71 -12.26 -6.73
C ALA B 176 9.65 -13.36 -6.86
N THR B 177 8.64 -13.16 -7.70
CA THR B 177 7.66 -14.23 -7.90
C THR B 177 8.32 -15.46 -8.51
N ALA B 178 9.30 -15.25 -9.40
CA ALA B 178 10.02 -16.39 -9.97
C ALA B 178 10.75 -17.17 -8.88
N VAL B 179 11.44 -16.46 -7.98
CA VAL B 179 12.16 -17.13 -6.91
C VAL B 179 11.19 -17.93 -6.03
N GLN B 180 10.07 -17.31 -5.66
CA GLN B 180 9.11 -18.01 -4.82
C GLN B 180 8.59 -19.25 -5.52
N MET B 181 8.33 -19.16 -6.83
CA MET B 181 7.89 -20.33 -7.56
C MET B 181 8.96 -21.41 -7.54
N ALA B 182 10.23 -21.03 -7.49
CA ALA B 182 11.28 -22.04 -7.45
C ALA B 182 11.34 -22.74 -6.11
N ILE B 183 11.35 -21.98 -5.01
CA ILE B 183 11.43 -22.64 -3.69
C ILE B 183 10.19 -23.49 -3.44
N ASN B 184 9.05 -23.13 -4.01
CA ASN B 184 7.85 -23.94 -3.80
C ASN B 184 7.92 -25.29 -4.50
N THR B 185 8.95 -25.53 -5.31
CA THR B 185 9.14 -26.82 -5.97
C THR B 185 10.27 -27.62 -5.35
N LEU B 186 11.13 -27.02 -4.55
CA LEU B 186 12.19 -27.76 -3.88
C LEU B 186 11.60 -28.61 -2.76
N SER B 187 12.22 -29.77 -2.53
CA SER B 187 11.84 -30.63 -1.42
C SER B 187 12.51 -30.15 -0.14
N TYR B 188 12.23 -30.85 0.96
CA TYR B 188 12.80 -30.49 2.25
C TYR B 188 14.32 -30.51 2.19
N SER B 189 14.88 -31.64 1.77
CA SER B 189 16.33 -31.77 1.71
C SER B 189 16.94 -30.80 0.70
N GLU B 190 16.26 -30.60 -0.44
CA GLU B 190 16.78 -29.67 -1.44
C GLU B 190 16.85 -28.25 -0.90
N LEU B 191 15.80 -27.82 -0.17
CA LEU B 191 15.79 -26.47 0.39
C LEU B 191 16.87 -26.32 1.44
N LYS B 192 17.00 -27.30 2.34
CA LYS B 192 18.09 -27.27 3.31
C LYS B 192 19.45 -27.21 2.60
N ALA B 193 19.58 -27.94 1.49
CA ALA B 193 20.83 -27.97 0.76
C ALA B 193 21.17 -26.61 0.15
N VAL B 194 20.19 -25.94 -0.46
CA VAL B 194 20.48 -24.61 -1.00
C VAL B 194 20.90 -23.67 0.13
N HIS B 195 20.20 -23.73 1.26
CA HIS B 195 20.61 -22.91 2.39
C HIS B 195 22.08 -23.17 2.73
N ALA B 196 22.44 -24.44 2.91
CA ALA B 196 23.81 -24.77 3.30
C ALA B 196 24.82 -24.25 2.27
N ILE B 197 24.55 -24.48 0.99
CA ILE B 197 25.53 -24.15 -0.04
C ILE B 197 25.74 -22.65 -0.13
N PHE B 198 24.65 -21.88 -0.17
CA PHE B 198 24.81 -20.43 -0.32
C PHE B 198 25.24 -19.76 0.97
N GLU B 199 25.07 -20.40 2.13
CA GLU B 199 25.67 -19.89 3.35
C GLU B 199 27.17 -20.17 3.39
N ALA B 200 27.55 -21.28 2.82
CA ALA B 200 28.97 -21.64 2.69
C ALA B 200 29.54 -20.83 1.54
N LEU B 201 28.72 -20.46 0.57
CA LEU B 201 29.21 -19.65 -0.56
C LEU B 201 29.59 -18.28 -0.01
N ASP B 202 28.74 -17.73 0.84
CA ASP B 202 28.99 -16.43 1.54
C ASP B 202 29.43 -15.37 0.56
N GLY B 203 28.72 -15.17 -0.54
CA GLY B 203 29.07 -14.13 -1.53
C GLY B 203 28.10 -14.14 -2.69
N GLU B 204 28.30 -13.27 -3.69
CA GLU B 204 27.48 -13.31 -4.89
C GLU B 204 27.93 -14.33 -5.92
N GLU B 205 29.21 -14.73 -5.92
CA GLU B 205 29.70 -15.73 -6.86
C GLU B 205 30.93 -16.37 -6.27
N GLY B 206 31.30 -17.53 -6.80
CA GLY B 206 32.49 -18.20 -6.33
C GLY B 206 32.55 -19.64 -6.79
N ARG B 207 33.44 -20.39 -6.16
CA ARG B 207 33.64 -21.81 -6.45
C ARG B 207 33.71 -22.57 -5.14
N LEU B 208 33.20 -23.80 -5.16
CA LEU B 208 33.27 -24.65 -3.97
C LEU B 208 33.16 -26.11 -4.39
N THR B 209 33.18 -27.01 -3.40
CA THR B 209 33.08 -28.44 -3.63
C THR B 209 31.76 -28.92 -3.03
N ALA B 210 30.86 -29.39 -3.90
CA ALA B 210 29.51 -29.73 -3.46
C ALA B 210 29.49 -31.02 -2.65
N SER B 211 30.28 -32.02 -3.06
CA SER B 211 30.25 -33.31 -2.37
C SER B 211 30.67 -33.17 -0.91
N SER B 212 31.66 -32.31 -0.64
CA SER B 212 32.10 -32.11 0.72
C SER B 212 30.98 -31.56 1.60
N ILE B 213 30.32 -30.50 1.14
CA ILE B 213 29.20 -29.93 1.91
C ILE B 213 28.10 -30.96 2.09
N ALA B 214 27.78 -31.70 1.03
CA ALA B 214 26.75 -32.73 1.12
C ALA B 214 27.09 -33.74 2.21
N ASP B 215 28.34 -34.19 2.26
CA ASP B 215 28.76 -35.12 3.30
C ASP B 215 28.74 -34.45 4.68
N GLU B 216 29.01 -33.14 4.72
CA GLU B 216 29.06 -32.46 6.01
C GLU B 216 27.69 -32.31 6.64
N ILE B 217 26.62 -32.30 5.85
CA ILE B 217 25.29 -32.12 6.41
C ILE B 217 24.46 -33.40 6.34
N GLY B 218 25.05 -34.52 5.95
CA GLY B 218 24.33 -35.78 5.94
C GLY B 218 23.27 -35.85 4.86
N ILE B 219 23.64 -35.45 3.65
CA ILE B 219 22.76 -35.50 2.48
C ILE B 219 23.49 -36.15 1.32
N THR B 220 22.74 -36.89 0.51
CA THR B 220 23.32 -37.56 -0.65
C THR B 220 23.79 -36.54 -1.67
N ARG B 221 24.90 -36.85 -2.35
CA ARG B 221 25.50 -35.91 -3.28
C ARG B 221 24.57 -35.55 -4.43
N SER B 222 23.75 -36.50 -4.91
CA SER B 222 22.86 -36.25 -6.04
C SER B 222 21.77 -35.24 -5.72
N VAL B 223 21.33 -35.17 -4.46
CA VAL B 223 20.28 -34.24 -4.09
C VAL B 223 20.73 -32.81 -4.30
N ILE B 224 21.99 -32.52 -4.00
CA ILE B 224 22.53 -31.18 -4.21
C ILE B 224 22.45 -30.82 -5.68
N VAL B 225 22.89 -31.74 -6.54
CA VAL B 225 22.84 -31.49 -7.98
C VAL B 225 21.41 -31.18 -8.42
N ASN B 226 20.46 -32.01 -8.00
CA ASN B 226 19.09 -31.79 -8.46
C ASN B 226 18.55 -30.45 -7.99
N ALA B 227 18.88 -30.04 -6.76
CA ALA B 227 18.39 -28.76 -6.26
C ALA B 227 18.99 -27.60 -7.05
N LEU B 228 20.31 -27.60 -7.22
CA LEU B 228 20.94 -26.51 -7.98
C LEU B 228 20.47 -26.50 -9.42
N ARG B 229 20.13 -27.66 -9.99
CA ARG B 229 19.61 -27.65 -11.36
C ARG B 229 18.20 -27.08 -11.41
N LYS B 230 17.35 -27.41 -10.42
CA LYS B 230 16.05 -26.78 -10.36
C LYS B 230 16.18 -25.27 -10.25
N LEU B 231 17.24 -24.79 -9.58
CA LEU B 231 17.46 -23.35 -9.53
C LEU B 231 17.93 -22.80 -10.88
N GLU B 232 18.86 -23.50 -11.54
CA GLU B 232 19.30 -23.05 -12.86
C GLU B 232 18.14 -22.97 -13.84
N SER B 233 17.21 -23.93 -13.78
CA SER B 233 16.08 -23.93 -14.70
C SER B 233 15.36 -22.59 -14.68
N ALA B 234 15.14 -22.03 -13.50
CA ALA B 234 14.45 -20.76 -13.37
C ALA B 234 15.37 -19.56 -13.54
N GLY B 235 16.59 -19.78 -14.05
CA GLY B 235 17.50 -18.67 -14.28
C GLY B 235 17.92 -17.94 -13.03
N ILE B 236 17.74 -18.56 -11.86
CA ILE B 236 18.12 -17.90 -10.61
C ILE B 236 19.63 -17.92 -10.42
N ILE B 237 20.31 -18.94 -10.93
CA ILE B 237 21.76 -19.06 -10.78
C ILE B 237 22.35 -19.54 -12.10
N GLU B 238 23.68 -19.56 -12.14
CA GLU B 238 24.44 -20.06 -13.27
C GLU B 238 25.56 -20.91 -12.69
N SER B 239 25.41 -22.23 -12.84
CA SER B 239 26.39 -23.20 -12.37
C SER B 239 27.15 -23.81 -13.54
N ARG B 240 28.42 -24.10 -13.32
CA ARG B 240 29.22 -24.80 -14.32
C ARG B 240 30.17 -25.76 -13.61
N SER B 241 30.31 -26.96 -14.16
CA SER B 241 31.11 -28.01 -13.54
C SER B 241 32.58 -27.82 -13.90
N LEU B 242 33.43 -27.82 -12.88
CA LEU B 242 34.87 -27.75 -13.04
C LEU B 242 35.55 -29.09 -12.76
N GLY B 243 34.80 -30.17 -12.82
CA GLY B 243 35.36 -31.50 -12.61
C GLY B 243 36.02 -31.61 -11.25
N MET B 244 37.31 -31.95 -11.25
CA MET B 244 38.01 -32.19 -10.00
C MET B 244 38.20 -30.93 -9.17
N LYS B 245 38.05 -29.75 -9.79
CA LYS B 245 38.17 -28.49 -9.06
C LYS B 245 36.87 -28.06 -8.41
N GLY B 246 35.80 -28.80 -8.58
CA GLY B 246 34.53 -28.49 -7.94
C GLY B 246 33.50 -27.89 -8.88
N THR B 247 32.64 -27.04 -8.35
CA THR B 247 31.60 -26.36 -9.12
C THR B 247 31.74 -24.85 -8.95
N TYR B 248 31.49 -24.12 -10.04
CA TYR B 248 31.46 -22.67 -10.02
C TYR B 248 30.01 -22.21 -10.05
N LEU B 249 29.68 -21.25 -9.19
CA LEU B 249 28.33 -20.74 -9.03
C LEU B 249 28.33 -19.22 -9.17
N LYS B 250 27.27 -18.70 -9.78
CA LYS B 250 27.07 -17.26 -9.90
C LYS B 250 25.59 -16.97 -9.68
N VAL B 251 25.29 -16.00 -8.81
CA VAL B 251 23.92 -15.65 -8.48
C VAL B 251 23.48 -14.55 -9.44
N LEU B 252 22.47 -14.84 -10.26
CA LEU B 252 21.95 -13.88 -11.21
C LEU B 252 20.79 -13.08 -10.61
N ASN B 253 19.84 -13.78 -9.98
CA ASN B 253 18.67 -13.13 -9.38
C ASN B 253 19.03 -12.58 -8.00
N GLN B 254 18.82 -11.28 -7.81
CA GLN B 254 19.20 -10.64 -6.55
C GLN B 254 18.19 -10.89 -5.44
N GLN B 255 16.94 -11.20 -5.77
CA GLN B 255 15.88 -11.48 -4.79
C GLN B 255 15.95 -12.88 -4.21
N PHE B 256 17.00 -13.65 -4.52
CA PHE B 256 17.09 -15.03 -4.06
C PHE B 256 17.50 -15.12 -2.60
N ILE B 257 18.61 -14.46 -2.25
CA ILE B 257 19.08 -14.47 -0.87
C ILE B 257 17.99 -13.97 0.06
N LYS B 258 17.11 -13.09 -0.43
CA LYS B 258 16.03 -12.59 0.40
C LYS B 258 15.05 -13.70 0.77
N GLU B 259 14.59 -14.45 -0.22
CA GLU B 259 13.68 -15.56 0.05
C GLU B 259 14.34 -16.65 0.87
N LEU B 260 15.67 -16.79 0.81
CA LEU B 260 16.34 -17.76 1.66
C LEU B 260 16.38 -17.27 3.11
N GLU B 261 16.82 -16.02 3.31
CA GLU B 261 16.88 -15.44 4.65
C GLU B 261 15.51 -15.36 5.31
N LYS B 262 14.44 -15.34 4.52
CA LYS B 262 13.09 -15.29 5.07
C LYS B 262 12.67 -16.67 5.56
N MET C 3 -15.40 28.28 35.30
CA MET C 3 -14.34 27.23 35.41
C MET C 3 -14.94 25.92 35.93
N ALA C 4 -15.85 26.02 36.90
CA ALA C 4 -16.51 24.84 37.44
C ALA C 4 -17.32 24.13 36.36
N THR C 5 -18.09 24.91 35.58
CA THR C 5 -18.88 24.32 34.51
C THR C 5 -17.99 23.61 33.49
N LEU C 6 -16.80 24.16 33.22
CA LEU C 6 -15.88 23.51 32.31
C LEU C 6 -15.48 22.12 32.81
N LEU C 7 -15.13 22.03 34.09
CA LEU C 7 -14.79 20.74 34.68
C LEU C 7 -15.97 19.78 34.60
N GLU C 8 -17.18 20.28 34.88
CA GLU C 8 -18.37 19.44 34.77
C GLU C 8 -18.55 18.91 33.35
N LYS C 9 -18.34 19.77 32.35
CA LYS C 9 -18.51 19.34 30.96
C LYS C 9 -17.49 18.27 30.59
N THR C 10 -16.23 18.45 31.03
CA THR C 10 -15.22 17.44 30.77
C THR C 10 -15.60 16.11 31.41
N ARG C 11 -16.17 16.15 32.61
CA ARG C 11 -16.60 14.91 33.24
C ARG C 11 -17.75 14.26 32.46
N GLN C 12 -18.69 15.09 31.98
CA GLN C 12 -19.82 14.57 31.23
C GLN C 12 -19.27 13.84 30.02
N VAL C 13 -18.36 14.46 29.29
CA VAL C 13 -17.87 13.82 28.07
C VAL C 13 -17.05 12.57 28.40
N ASN C 14 -16.30 12.58 29.50
CA ASN C 14 -15.54 11.39 29.88
C ASN C 14 -16.45 10.20 30.11
N GLU C 15 -17.56 10.40 30.82
CA GLU C 15 -18.41 9.22 31.06
C GLU C 15 -18.99 8.75 29.72
N LEU C 16 -19.65 9.68 29.02
CA LEU C 16 -20.32 9.45 27.72
C LEU C 16 -19.47 8.58 26.79
N LEU C 17 -18.38 9.15 26.27
CA LEU C 17 -17.55 8.40 25.29
C LEU C 17 -17.10 7.06 25.85
N GLN C 18 -16.58 7.04 27.09
CA GLN C 18 -16.05 5.78 27.67
C GLN C 18 -17.11 4.68 27.65
N LYS C 19 -18.36 4.99 28.02
CA LYS C 19 -19.37 3.90 28.02
C LYS C 19 -20.05 3.81 26.66
N GLN C 26 -17.61 -4.06 15.28
CA GLN C 26 -18.27 -3.15 14.34
C GLN C 26 -19.43 -2.41 15.00
N ALA C 27 -19.30 -1.09 15.09
CA ALA C 27 -20.31 -0.25 15.73
C ALA C 27 -21.26 0.44 14.74
N GLU C 28 -21.12 0.20 13.44
CA GLU C 28 -21.99 0.78 12.41
C GLU C 28 -22.02 2.31 12.53
N LEU C 29 -20.87 2.89 12.24
CA LEU C 29 -20.64 4.33 12.32
C LEU C 29 -21.24 4.92 13.58
N PRO C 30 -20.68 4.60 14.74
CA PRO C 30 -21.24 5.12 16.00
C PRO C 30 -21.10 6.62 16.13
N TYR C 31 -20.04 7.20 15.56
CA TYR C 31 -19.70 8.59 15.77
C TYR C 31 -20.89 9.53 15.62
N ASN C 32 -21.90 9.15 14.83
CA ASN C 32 -23.07 10.01 14.71
C ASN C 32 -23.65 10.32 16.09
N LYS C 33 -23.98 9.26 16.84
CA LYS C 33 -24.40 9.43 18.23
C LYS C 33 -23.35 10.18 19.03
N MET C 34 -22.07 9.82 18.85
CA MET C 34 -21.02 10.53 19.58
C MET C 34 -21.06 12.02 19.29
N ALA C 35 -21.42 12.41 18.06
CA ALA C 35 -21.48 13.83 17.74
C ALA C 35 -22.49 14.51 18.64
N MET C 36 -23.64 13.88 18.86
CA MET C 36 -24.64 14.44 19.76
C MET C 36 -24.01 14.77 21.10
N ILE C 37 -23.23 13.82 21.64
CA ILE C 37 -22.60 14.04 22.93
C ILE C 37 -21.81 15.34 22.88
N LEU C 38 -20.97 15.48 21.86
CA LEU C 38 -20.10 16.65 21.78
C LEU C 38 -20.93 17.92 21.66
N GLY C 39 -22.06 17.84 20.95
CA GLY C 39 -22.92 19.01 20.83
C GLY C 39 -23.46 19.48 22.16
N ASP C 40 -23.83 18.54 23.04
CA ASP C 40 -24.61 18.91 24.22
C ASP C 40 -23.83 19.88 25.12
N ILE C 41 -22.57 19.55 25.41
CA ILE C 41 -21.78 20.41 26.28
C ILE C 41 -21.50 21.75 25.60
N LEU C 42 -21.40 21.79 24.27
CA LEU C 42 -21.19 23.03 23.54
C LEU C 42 -22.47 23.66 22.99
N GLU C 43 -23.61 22.98 23.11
CA GLU C 43 -24.89 23.51 22.60
C GLU C 43 -24.76 23.94 21.13
N SER C 44 -24.22 23.04 20.30
CA SER C 44 -24.00 23.36 18.90
C SER C 44 -24.04 22.10 18.05
N ASN C 45 -24.32 22.29 16.77
CA ASN C 45 -24.30 21.21 15.80
C ASN C 45 -22.86 20.79 15.49
N ALA C 46 -22.66 19.49 15.24
CA ALA C 46 -21.35 18.92 15.04
C ALA C 46 -21.33 18.03 13.80
N TYR C 47 -20.18 18.03 13.09
CA TYR C 47 -19.98 17.20 11.92
C TYR C 47 -18.60 16.56 12.00
N ILE C 48 -18.49 15.32 11.52
CA ILE C 48 -17.24 14.56 11.60
C ILE C 48 -16.94 13.90 10.25
N ILE C 49 -15.72 14.14 9.73
CA ILE C 49 -15.31 13.59 8.44
C ILE C 49 -14.00 12.85 8.59
N SER C 50 -13.77 11.89 7.69
CA SER C 50 -12.53 11.13 7.63
C SER C 50 -11.51 11.85 6.74
N SER C 51 -10.30 11.29 6.66
CA SER C 51 -9.26 11.84 5.81
C SER C 51 -9.61 11.71 4.33
N SER C 52 -10.40 10.70 3.97
CA SER C 52 -10.78 10.50 2.57
C SER C 52 -11.94 11.37 2.15
N GLY C 53 -12.73 11.87 3.10
CA GLY C 53 -13.88 12.69 2.84
C GLY C 53 -15.19 12.02 3.20
N ASP C 54 -15.14 10.73 3.49
CA ASP C 54 -16.33 9.99 3.88
C ASP C 54 -16.89 10.54 5.19
N LEU C 55 -18.18 10.87 5.18
CA LEU C 55 -18.83 11.36 6.39
C LEU C 55 -18.95 10.22 7.39
N LEU C 56 -18.58 10.47 8.65
CA LEU C 56 -18.65 9.42 9.66
C LEU C 56 -19.55 9.77 10.83
N GLY C 57 -20.15 10.95 10.83
CA GLY C 57 -20.98 11.36 11.95
C GLY C 57 -21.42 12.81 11.87
N TYR C 58 -22.62 13.09 12.34
CA TYR C 58 -23.18 14.43 12.26
C TYR C 58 -24.34 14.55 13.24
N THR C 59 -24.63 15.78 13.64
CA THR C 59 -25.77 16.06 14.50
C THR C 59 -26.25 17.47 14.20
N GLU C 60 -27.47 17.57 13.65
CA GLU C 60 -28.09 18.85 13.34
C GLU C 60 -28.96 19.27 14.52
N LYS C 61 -28.30 19.80 15.55
CA LYS C 61 -29.02 20.18 16.77
C LYS C 61 -29.88 21.42 16.55
N LEU C 62 -29.45 22.34 15.70
CA LEU C 62 -30.18 23.59 15.55
C LEU C 62 -31.06 23.52 14.31
N ASP C 63 -31.84 24.58 14.11
CA ASP C 63 -32.81 24.58 13.03
C ASP C 63 -32.17 24.73 11.66
N VAL C 64 -31.79 23.58 11.07
CA VAL C 64 -31.10 23.54 9.75
C VAL C 64 -32.16 23.57 8.64
N ASN C 65 -31.72 23.71 7.38
CA ASN C 65 -32.67 23.80 6.23
C ASN C 65 -32.70 22.51 5.39
N ASN C 66 -32.35 21.35 5.97
CA ASN C 66 -32.48 20.04 5.28
C ASN C 66 -31.84 20.04 3.89
N ALA C 67 -32.61 19.74 2.83
CA ALA C 67 -32.14 19.76 1.42
C ALA C 67 -30.93 18.85 1.15
N ARG C 68 -29.84 19.41 0.61
CA ARG C 68 -28.62 18.61 0.33
C ARG C 68 -28.11 18.04 1.66
N ILE C 69 -28.13 18.86 2.71
CA ILE C 69 -27.80 18.44 4.14
C ILE C 69 -28.62 17.20 4.48
N LYS C 70 -29.96 17.31 4.42
CA LYS C 70 -30.79 16.11 4.74
C LYS C 70 -30.21 14.90 3.96
N ASN C 71 -30.02 15.02 2.64
CA ASN C 71 -29.43 13.92 1.82
C ASN C 71 -28.00 13.54 2.25
N MET C 72 -27.04 14.50 2.34
CA MET C 72 -25.65 14.21 2.72
C MET C 72 -25.76 13.48 4.05
N PHE C 73 -26.76 13.87 4.86
CA PHE C 73 -26.91 13.09 6.07
C PHE C 73 -27.50 11.70 5.78
N LYS C 74 -28.53 11.64 4.93
CA LYS C 74 -29.17 10.37 4.62
C LYS C 74 -28.22 9.46 3.86
N GLU C 75 -27.60 9.98 2.80
CA GLU C 75 -26.66 9.22 1.99
C GLU C 75 -25.36 8.92 2.70
N LYS C 76 -25.11 9.53 3.86
CA LYS C 76 -23.90 9.29 4.63
C LYS C 76 -22.66 9.67 3.81
N LYS C 77 -22.73 10.86 3.20
CA LYS C 77 -21.62 11.33 2.36
C LYS C 77 -21.69 12.84 2.25
N PHE C 78 -20.66 13.53 2.73
CA PHE C 78 -20.57 14.97 2.61
C PHE C 78 -20.08 15.36 1.21
N PRO C 79 -20.26 16.61 0.81
CA PRO C 79 -19.82 17.03 -0.52
C PRO C 79 -18.31 16.85 -0.62
N GLN C 80 -17.87 16.21 -1.70
CA GLN C 80 -16.47 15.85 -1.83
C GLN C 80 -15.57 17.09 -1.75
N GLY C 81 -16.03 18.22 -2.27
CA GLY C 81 -15.19 19.41 -2.32
C GLY C 81 -14.88 19.99 -0.96
N TYR C 82 -15.91 20.18 -0.13
CA TYR C 82 -15.68 20.77 1.19
C TYR C 82 -14.83 19.86 2.07
N THR C 83 -15.10 18.55 2.02
CA THR C 83 -14.32 17.61 2.81
C THR C 83 -12.86 17.59 2.37
N GLU C 84 -12.62 17.60 1.05
CA GLU C 84 -11.24 17.65 0.58
C GLU C 84 -10.60 19.01 0.79
N ALA C 85 -11.40 20.06 1.02
CA ALA C 85 -10.85 21.38 1.32
C ALA C 85 -10.35 21.48 2.76
N VAL C 86 -11.10 20.91 3.71
CA VAL C 86 -10.68 21.01 5.10
C VAL C 86 -9.47 20.13 5.42
N ASP C 87 -9.16 19.12 4.59
CA ASP C 87 -8.09 18.19 4.96
C ASP C 87 -6.73 18.87 5.09
N MET C 88 -6.50 19.96 4.38
CA MET C 88 -5.20 20.65 4.39
C MET C 88 -5.08 21.70 5.49
N LEU C 89 -6.10 21.90 6.33
CA LEU C 89 -6.06 22.98 7.30
C LEU C 89 -4.92 22.79 8.30
N LYS C 90 -4.50 21.55 8.53
CA LYS C 90 -3.35 21.23 9.38
C LYS C 90 -3.55 21.54 10.86
N VAL C 91 -3.84 22.79 11.21
CA VAL C 91 -4.01 23.18 12.60
C VAL C 91 -5.43 23.75 12.77
N THR C 92 -5.79 23.96 14.03
CA THR C 92 -7.14 24.39 14.37
C THR C 92 -7.43 25.80 13.87
N GLU C 93 -8.66 26.01 13.41
CA GLU C 93 -9.16 27.33 13.03
C GLU C 93 -10.49 27.59 13.74
N ALA C 94 -10.64 28.79 14.30
CA ALA C 94 -11.82 29.12 15.09
C ALA C 94 -12.43 30.44 14.61
N ASN C 95 -13.72 30.60 14.90
CA ASN C 95 -14.47 31.82 14.60
C ASN C 95 -14.28 32.17 13.12
N ILE C 96 -14.63 31.23 12.26
CA ILE C 96 -14.61 31.47 10.81
C ILE C 96 -15.95 32.09 10.41
N PRO C 97 -15.95 33.25 9.74
CA PRO C 97 -17.22 33.90 9.41
C PRO C 97 -18.07 33.10 8.43
N ILE C 98 -19.23 33.66 8.06
CA ILE C 98 -20.13 32.97 7.15
C ILE C 98 -19.70 33.15 5.71
N ASP C 99 -19.12 34.31 5.37
CA ASP C 99 -18.74 34.59 3.99
C ASP C 99 -17.65 33.66 3.48
N SER C 100 -16.89 33.05 4.38
CA SER C 100 -15.83 32.13 3.95
C SER C 100 -16.44 30.82 3.47
N ASP C 101 -15.83 30.25 2.44
CA ASP C 101 -16.33 28.98 1.89
C ASP C 101 -16.13 27.83 2.85
N LEU C 102 -15.26 27.97 3.84
CA LEU C 102 -15.02 26.94 4.84
C LEU C 102 -16.11 26.89 5.91
N THR C 103 -17.19 27.63 5.73
CA THR C 103 -18.22 27.70 6.76
C THR C 103 -19.01 26.39 6.87
N ALA C 104 -19.41 26.10 8.09
CA ALA C 104 -20.21 24.89 8.38
C ALA C 104 -21.67 25.17 8.03
N PHE C 105 -22.08 26.43 8.13
CA PHE C 105 -23.49 26.78 7.84
C PHE C 105 -23.79 26.56 6.36
N PRO C 106 -24.92 25.90 6.02
CA PRO C 106 -25.30 25.68 4.62
C PRO C 106 -25.37 27.06 3.95
N PHE C 107 -24.79 27.22 2.75
CA PHE C 107 -24.83 28.55 2.08
C PHE C 107 -26.21 28.87 1.48
N GLU C 108 -27.07 27.85 1.32
CA GLU C 108 -28.45 28.07 0.82
C GLU C 108 -29.09 29.19 1.64
N SER C 109 -28.68 29.34 2.90
CA SER C 109 -29.25 30.38 3.75
C SER C 109 -28.10 31.05 4.51
N ARG C 110 -27.46 32.01 3.87
CA ARG C 110 -26.44 32.82 4.53
C ARG C 110 -27.00 34.12 5.10
N GLU C 111 -28.16 34.56 4.59
CA GLU C 111 -28.82 35.73 5.13
C GLU C 111 -29.60 35.42 6.38
N LEU C 112 -29.87 34.14 6.65
CA LEU C 112 -30.60 33.77 7.86
C LEU C 112 -29.71 33.84 9.10
N TYR C 113 -28.44 33.46 8.97
CA TYR C 113 -27.51 33.44 10.10
C TYR C 113 -26.21 34.15 9.74
N PRO C 114 -26.25 35.47 9.53
CA PRO C 114 -25.00 36.19 9.30
C PRO C 114 -24.11 36.21 10.53
N PHE C 115 -24.70 36.15 11.72
CA PHE C 115 -23.94 36.20 12.97
C PHE C 115 -23.28 34.87 13.29
N GLY C 116 -23.64 33.81 12.57
CA GLY C 116 -23.09 32.50 12.86
C GLY C 116 -21.59 32.49 12.68
N LEU C 117 -20.91 31.72 13.53
CA LEU C 117 -19.48 31.44 13.40
C LEU C 117 -19.27 29.94 13.48
N THR C 118 -18.17 29.46 12.90
CA THR C 118 -17.92 28.02 12.78
C THR C 118 -16.47 27.76 13.12
N THR C 119 -16.16 26.49 13.37
CA THR C 119 -14.83 26.02 13.72
C THR C 119 -14.51 24.66 13.11
N ILE C 120 -13.22 24.48 12.79
CA ILE C 120 -12.69 23.21 12.27
C ILE C 120 -11.57 22.75 13.20
N VAL C 121 -11.62 21.48 13.62
CA VAL C 121 -10.65 20.89 14.50
C VAL C 121 -10.15 19.58 13.91
N PRO C 122 -8.86 19.44 13.59
CA PRO C 122 -8.37 18.19 13.00
C PRO C 122 -8.09 17.09 14.03
N LEU C 123 -8.15 15.85 13.54
CA LEU C 123 -7.92 14.63 14.32
C LEU C 123 -6.63 13.96 13.86
N TYR C 124 -5.80 13.54 14.81
CA TYR C 124 -4.52 12.92 14.49
C TYR C 124 -4.24 11.72 15.38
N GLY C 125 -4.00 10.56 14.75
CA GLY C 125 -3.59 9.37 15.47
C GLY C 125 -2.22 8.87 15.06
N ALA C 126 -1.34 8.62 16.03
CA ALA C 126 0.01 8.12 15.78
C ALA C 126 0.80 9.01 14.81
N GLY C 127 0.32 10.23 14.56
CA GLY C 127 1.00 11.14 13.68
C GLY C 127 0.43 11.22 12.29
N LYS C 128 -0.78 10.71 12.07
CA LYS C 128 -1.43 10.76 10.76
C LYS C 128 -2.83 11.32 10.94
N ARG C 129 -3.30 12.05 9.93
CA ARG C 129 -4.61 12.69 10.01
C ARG C 129 -5.69 11.62 9.85
N LEU C 130 -6.52 11.48 10.89
CA LEU C 130 -7.62 10.51 10.87
C LEU C 130 -8.95 11.14 10.51
N GLY C 131 -9.12 12.45 10.69
CA GLY C 131 -10.38 13.10 10.35
C GLY C 131 -10.45 14.57 10.72
N THR C 132 -11.66 15.05 11.00
CA THR C 132 -11.87 16.45 11.33
C THR C 132 -13.27 16.64 11.94
N ILE C 133 -13.34 17.54 12.92
CA ILE C 133 -14.58 17.92 13.60
C ILE C 133 -14.94 19.36 13.24
N ILE C 134 -16.24 19.61 13.07
CA ILE C 134 -16.75 20.93 12.67
C ILE C 134 -17.89 21.33 13.61
N LEU C 135 -17.81 22.55 14.15
CA LEU C 135 -18.79 23.11 15.08
C LEU C 135 -19.35 24.43 14.58
N ALA C 136 -20.62 24.72 14.90
CA ALA C 136 -21.26 25.95 14.45
C ALA C 136 -22.29 26.47 15.46
N ARG C 137 -22.29 27.79 15.69
CA ARG C 137 -23.16 28.40 16.68
C ARG C 137 -23.47 29.85 16.27
N VAL C 138 -24.47 30.44 16.96
CA VAL C 138 -24.89 31.81 16.72
C VAL C 138 -24.62 32.69 17.95
N GLU C 139 -24.68 34.01 17.71
CA GLU C 139 -24.59 35.09 18.69
C GLU C 139 -23.23 35.26 19.37
N LYS C 140 -22.71 34.24 20.03
CA LYS C 140 -21.44 34.33 20.73
C LYS C 140 -20.49 33.28 20.19
N SER C 141 -19.21 33.64 20.10
CA SER C 141 -18.21 32.85 19.42
C SER C 141 -17.52 31.90 20.40
N PHE C 142 -16.69 31.01 19.85
CA PHE C 142 -16.03 30.00 20.67
C PHE C 142 -14.84 30.63 21.38
N ASN C 143 -14.84 30.57 22.71
CA ASN C 143 -13.73 31.06 23.50
C ASN C 143 -12.79 29.89 23.80
N GLU C 144 -11.79 30.12 24.65
CA GLU C 144 -10.75 29.11 24.85
C GLU C 144 -11.29 27.82 25.48
N ASP C 145 -12.16 27.92 26.49
CA ASP C 145 -12.64 26.71 27.14
C ASP C 145 -13.33 25.77 26.14
N ASP C 146 -14.07 26.35 25.20
CA ASP C 146 -14.71 25.52 24.18
C ASP C 146 -13.67 24.82 23.32
N LEU C 147 -12.54 25.47 23.04
CA LEU C 147 -11.47 24.83 22.30
C LEU C 147 -10.80 23.73 23.11
N VAL C 148 -10.63 23.96 24.42
CA VAL C 148 -10.11 22.90 25.29
C VAL C 148 -10.97 21.66 25.15
N LEU C 149 -12.29 21.84 25.26
CA LEU C 149 -13.21 20.71 25.13
C LEU C 149 -13.12 20.08 23.75
N ALA C 150 -13.01 20.92 22.71
CA ALA C 150 -12.94 20.40 21.35
C ALA C 150 -11.73 19.51 21.15
N GLU C 151 -10.55 19.98 21.57
CA GLU C 151 -9.35 19.16 21.40
C GLU C 151 -9.36 17.94 22.32
N TYR C 152 -9.96 18.06 23.51
CA TYR C 152 -10.17 16.90 24.37
C TYR C 152 -10.88 15.79 23.59
N SER C 153 -12.02 16.14 23.01
CA SER C 153 -12.79 15.16 22.24
C SER C 153 -12.03 14.71 21.02
N ALA C 154 -11.30 15.62 20.38
CA ALA C 154 -10.53 15.27 19.20
C ALA C 154 -9.55 14.14 19.49
N THR C 155 -8.77 14.29 20.58
CA THR C 155 -7.78 13.25 20.88
C THR C 155 -8.46 11.94 21.27
N VAL C 156 -9.52 12.00 22.09
CA VAL C 156 -10.20 10.76 22.46
C VAL C 156 -10.71 10.04 21.21
N VAL C 157 -11.40 10.75 20.32
CA VAL C 157 -11.94 10.13 19.13
C VAL C 157 -10.82 9.64 18.23
N GLY C 158 -9.71 10.36 18.18
CA GLY C 158 -8.58 9.90 17.39
C GLY C 158 -8.10 8.54 17.85
N MET C 159 -7.98 8.35 19.16
CA MET C 159 -7.48 7.07 19.66
C MET C 159 -8.51 5.97 19.45
N GLN C 160 -9.80 6.29 19.59
CA GLN C 160 -10.82 5.27 19.31
C GLN C 160 -10.79 4.85 17.84
N ILE C 161 -10.65 5.81 16.92
CA ILE C 161 -10.59 5.48 15.50
C ILE C 161 -9.36 4.63 15.21
N LEU C 162 -8.20 5.02 15.76
CA LEU C 162 -6.99 4.25 15.54
C LEU C 162 -7.17 2.82 16.04
N TYR C 163 -7.81 2.66 17.20
CA TYR C 163 -8.01 1.32 17.75
C TYR C 163 -8.90 0.47 16.85
N HIS C 164 -10.06 1.01 16.47
CA HIS C 164 -10.96 0.25 15.60
C HIS C 164 -10.29 -0.10 14.27
N GLN C 165 -9.54 0.83 13.69
CA GLN C 165 -8.94 0.57 12.39
C GLN C 165 -7.82 -0.47 12.49
N SER C 166 -6.97 -0.37 13.52
CA SER C 166 -5.91 -1.36 13.69
C SER C 166 -6.50 -2.74 13.91
N ARG C 167 -7.56 -2.82 14.72
CA ARG C 167 -8.19 -4.12 14.97
C ARG C 167 -8.79 -4.70 13.70
N THR C 168 -9.47 -3.86 12.90
CA THR C 168 -10.07 -4.35 11.67
C THR C 168 -9.01 -4.86 10.70
N ILE C 169 -7.91 -4.04 10.49
CA ILE C 169 -6.87 -4.59 9.61
C ILE C 169 -6.31 -5.87 10.19
N GLU C 170 -6.03 -6.01 11.41
CA GLU C 170 -5.47 -7.25 11.95
C GLU C 170 -6.43 -8.41 11.71
N ALA C 171 -7.72 -8.17 11.87
CA ALA C 171 -8.72 -9.22 11.66
C ALA C 171 -8.72 -9.69 10.21
N GLU C 172 -8.74 -8.74 9.27
CA GLU C 172 -8.78 -9.13 7.86
C GLU C 172 -7.49 -9.84 7.46
N VAL C 173 -6.35 -9.43 8.00
CA VAL C 173 -5.10 -10.09 7.64
C VAL C 173 -5.08 -11.52 8.16
N ARG C 174 -5.54 -11.74 9.40
CA ARG C 174 -5.61 -13.10 9.90
C ARG C 174 -6.57 -13.95 9.08
N SER C 175 -7.75 -13.40 8.74
CA SER C 175 -8.71 -14.17 7.95
C SER C 175 -8.15 -14.52 6.58
N ALA C 176 -7.46 -13.59 5.93
CA ALA C 176 -6.91 -13.87 4.61
C ALA C 176 -5.80 -14.91 4.68
N THR C 177 -4.95 -14.82 5.70
CA THR C 177 -3.91 -15.83 5.86
C THR C 177 -4.54 -17.20 6.11
N ALA C 178 -5.64 -17.24 6.86
CA ALA C 178 -6.33 -18.50 7.09
C ALA C 178 -6.85 -19.09 5.78
N VAL C 179 -7.49 -18.25 4.95
CA VAL C 179 -8.05 -18.73 3.70
C VAL C 179 -6.95 -19.28 2.79
N GLN C 180 -5.84 -18.55 2.68
CA GLN C 180 -4.74 -19.03 1.84
C GLN C 180 -4.16 -20.32 2.40
N MET C 181 -3.99 -20.38 3.72
CA MET C 181 -3.41 -21.57 4.35
C MET C 181 -4.29 -22.79 4.13
N ALA C 182 -5.60 -22.60 4.12
CA ALA C 182 -6.51 -23.72 3.89
C ALA C 182 -6.50 -24.15 2.44
N ILE C 183 -6.67 -23.21 1.52
CA ILE C 183 -6.74 -23.58 0.11
C ILE C 183 -5.42 -24.19 -0.35
N ASN C 184 -4.30 -23.82 0.27
CA ASN C 184 -3.03 -24.41 -0.14
C ASN C 184 -2.90 -25.86 0.29
N THR C 185 -3.84 -26.40 1.07
CA THR C 185 -3.82 -27.79 1.48
C THR C 185 -4.84 -28.64 0.74
N LEU C 186 -5.79 -28.04 0.03
CA LEU C 186 -6.75 -28.82 -0.73
C LEU C 186 -6.09 -29.47 -1.95
N SER C 187 -6.56 -30.65 -2.30
CA SER C 187 -6.08 -31.34 -3.48
C SER C 187 -6.82 -30.82 -4.73
N TYR C 188 -6.44 -31.37 -5.88
CA TYR C 188 -7.03 -30.98 -7.15
C TYR C 188 -8.55 -31.21 -7.14
N SER C 189 -8.95 -32.46 -6.87
CA SER C 189 -10.37 -32.80 -6.85
C SER C 189 -11.09 -32.08 -5.73
N GLU C 190 -10.45 -31.94 -4.57
CA GLU C 190 -11.07 -31.21 -3.47
C GLU C 190 -11.34 -29.76 -3.86
N LEU C 191 -10.39 -29.13 -4.55
CA LEU C 191 -10.60 -27.75 -4.97
C LEU C 191 -11.73 -27.66 -5.99
N LYS C 192 -11.76 -28.58 -6.96
CA LYS C 192 -12.88 -28.59 -7.90
C LYS C 192 -14.21 -28.73 -7.18
N ALA C 193 -14.25 -29.60 -6.16
CA ALA C 193 -15.48 -29.82 -5.40
C ALA C 193 -15.89 -28.56 -4.64
N VAL C 194 -14.92 -27.88 -4.03
CA VAL C 194 -15.21 -26.65 -3.32
C VAL C 194 -15.83 -25.63 -4.28
N HIS C 195 -15.22 -25.47 -5.45
CA HIS C 195 -15.77 -24.57 -6.46
C HIS C 195 -17.21 -24.94 -6.77
N ALA C 196 -17.47 -26.21 -7.09
CA ALA C 196 -18.81 -26.63 -7.48
C ALA C 196 -19.83 -26.37 -6.37
N ILE C 197 -19.50 -26.77 -5.14
CA ILE C 197 -20.47 -26.69 -4.05
C ILE C 197 -20.79 -25.24 -3.72
N PHE C 198 -19.76 -24.40 -3.61
CA PHE C 198 -20.03 -23.00 -3.27
C PHE C 198 -20.57 -22.21 -4.44
N GLU C 199 -20.43 -22.70 -5.67
CA GLU C 199 -21.14 -22.08 -6.78
C GLU C 199 -22.62 -22.43 -6.74
N ALA C 200 -22.96 -23.65 -6.34
CA ALA C 200 -24.37 -23.98 -6.18
C ALA C 200 -24.96 -23.29 -4.95
N LEU C 201 -24.19 -23.22 -3.86
CA LEU C 201 -24.61 -22.60 -2.62
C LEU C 201 -24.70 -21.08 -2.76
N ASP C 202 -25.82 -20.58 -3.26
CA ASP C 202 -26.00 -19.14 -3.37
C ASP C 202 -26.12 -18.54 -1.97
N GLY C 203 -25.18 -17.67 -1.61
CA GLY C 203 -25.18 -17.02 -0.31
C GLY C 203 -24.12 -17.59 0.61
N GLU C 204 -24.06 -16.99 1.79
CA GLU C 204 -23.11 -17.40 2.83
C GLU C 204 -23.57 -18.62 3.60
N GLU C 205 -24.85 -18.98 3.53
CA GLU C 205 -25.36 -20.13 4.25
C GLU C 205 -26.54 -20.73 3.49
N GLY C 206 -26.82 -21.98 3.78
CA GLY C 206 -27.92 -22.68 3.15
C GLY C 206 -27.81 -24.17 3.33
N ARG C 207 -28.61 -24.89 2.55
CA ARG C 207 -28.63 -26.34 2.55
C ARG C 207 -28.57 -26.85 1.11
N LEU C 208 -27.90 -27.98 0.92
CA LEU C 208 -27.81 -28.59 -0.40
C LEU C 208 -27.50 -30.07 -0.24
N THR C 209 -27.38 -30.77 -1.36
CA THR C 209 -27.05 -32.19 -1.39
C THR C 209 -25.68 -32.35 -2.06
N ALA C 210 -24.69 -32.78 -1.28
CA ALA C 210 -23.32 -32.85 -1.79
C ALA C 210 -23.15 -34.00 -2.77
N SER C 211 -23.77 -35.14 -2.49
CA SER C 211 -23.60 -36.31 -3.34
C SER C 211 -24.11 -36.08 -4.76
N SER C 212 -25.23 -35.36 -4.89
CA SER C 212 -25.78 -35.09 -6.22
C SER C 212 -24.80 -34.28 -7.08
N ILE C 213 -24.33 -33.15 -6.56
CA ILE C 213 -23.36 -32.34 -7.30
C ILE C 213 -22.09 -33.13 -7.55
N ALA C 214 -21.67 -33.93 -6.57
CA ALA C 214 -20.50 -34.79 -6.75
C ALA C 214 -20.68 -35.68 -7.98
N ASP C 215 -21.87 -36.27 -8.11
CA ASP C 215 -22.15 -37.08 -9.28
C ASP C 215 -22.19 -36.24 -10.55
N GLU C 216 -22.60 -34.97 -10.43
CA GLU C 216 -22.69 -34.12 -11.60
C GLU C 216 -21.32 -33.71 -12.12
N ILE C 217 -20.29 -33.69 -11.27
CA ILE C 217 -18.96 -33.26 -11.68
C ILE C 217 -17.95 -34.41 -11.72
N GLY C 218 -18.38 -35.64 -11.47
CA GLY C 218 -17.49 -36.79 -11.59
C GLY C 218 -16.43 -36.89 -10.52
N ILE C 219 -16.80 -36.69 -9.26
CA ILE C 219 -15.90 -36.85 -8.13
C ILE C 219 -16.61 -37.69 -7.08
N THR C 220 -15.91 -38.65 -6.45
CA THR C 220 -16.45 -39.52 -5.40
C THR C 220 -16.86 -38.72 -4.17
N ARG C 221 -17.99 -39.04 -3.58
CA ARG C 221 -18.66 -38.31 -2.51
C ARG C 221 -17.74 -38.09 -1.30
N SER C 222 -16.89 -39.07 -1.01
CA SER C 222 -16.01 -38.96 0.15
C SER C 222 -15.00 -37.83 -0.01
N VAL C 223 -14.59 -37.54 -1.25
CA VAL C 223 -13.64 -36.44 -1.48
C VAL C 223 -14.27 -35.11 -1.09
N ILE C 224 -15.54 -34.92 -1.44
CA ILE C 224 -16.25 -33.69 -1.07
C ILE C 224 -16.39 -33.61 0.44
N VAL C 225 -16.78 -34.72 1.08
CA VAL C 225 -16.88 -34.72 2.53
C VAL C 225 -15.56 -34.29 3.16
N ASN C 226 -14.47 -34.89 2.69
CA ASN C 226 -13.16 -34.58 3.26
C ASN C 226 -12.78 -33.12 3.03
N ALA C 227 -13.16 -32.57 1.88
CA ALA C 227 -12.88 -31.16 1.61
C ALA C 227 -13.62 -30.27 2.58
N LEU C 228 -14.91 -30.54 2.79
CA LEU C 228 -15.66 -29.74 3.76
C LEU C 228 -15.07 -29.85 5.16
N ARG C 229 -14.50 -31.01 5.50
CA ARG C 229 -13.86 -31.15 6.81
C ARG C 229 -12.57 -30.34 6.88
N LYS C 230 -11.78 -30.34 5.81
CA LYS C 230 -10.59 -29.50 5.78
C LYS C 230 -10.94 -28.03 5.92
N LEU C 231 -12.08 -27.62 5.38
CA LEU C 231 -12.51 -26.23 5.55
C LEU C 231 -12.99 -25.97 6.98
N GLU C 232 -13.79 -26.88 7.53
CA GLU C 232 -14.26 -26.71 8.90
C GLU C 232 -13.08 -26.59 9.87
N SER C 233 -12.04 -27.39 9.66
CA SER C 233 -10.89 -27.34 10.57
C SER C 233 -10.35 -25.92 10.71
N ALA C 234 -10.20 -25.22 9.60
CA ALA C 234 -9.65 -23.87 9.60
C ALA C 234 -10.71 -22.80 9.84
N GLY C 235 -11.91 -23.20 10.27
CA GLY C 235 -12.96 -22.25 10.58
C GLY C 235 -13.51 -21.45 9.42
N ILE C 236 -13.28 -21.87 8.17
CA ILE C 236 -13.86 -21.12 7.06
C ILE C 236 -15.36 -21.36 6.98
N ILE C 237 -15.81 -22.56 7.35
CA ILE C 237 -17.22 -22.91 7.29
C ILE C 237 -17.58 -23.72 8.53
N GLU C 238 -18.88 -23.97 8.68
CA GLU C 238 -19.41 -24.80 9.76
C GLU C 238 -20.47 -25.70 9.14
N SER C 239 -20.17 -26.98 9.02
CA SER C 239 -21.06 -27.94 8.39
C SER C 239 -21.81 -28.74 9.45
N ARG C 240 -23.05 -29.06 9.14
CA ARG C 240 -23.91 -29.87 10.01
C ARG C 240 -24.71 -30.80 9.12
N SER C 241 -24.81 -32.06 9.53
CA SER C 241 -25.46 -33.08 8.73
C SER C 241 -26.96 -33.06 8.95
N LEU C 242 -27.72 -33.03 7.84
CA LEU C 242 -29.17 -33.12 7.86
C LEU C 242 -29.65 -34.49 7.41
N GLY C 243 -28.77 -35.49 7.42
CA GLY C 243 -29.13 -36.83 7.04
C GLY C 243 -29.66 -36.88 5.62
N MET C 244 -30.89 -37.38 5.46
CA MET C 244 -31.47 -37.57 4.13
C MET C 244 -31.81 -36.25 3.45
N LYS C 245 -31.86 -35.14 4.19
CA LYS C 245 -32.14 -33.83 3.61
C LYS C 245 -30.89 -33.15 3.09
N GLY C 246 -29.71 -33.77 3.25
CA GLY C 246 -28.47 -33.22 2.74
C GLY C 246 -27.58 -32.65 3.82
N THR C 247 -26.79 -31.64 3.46
CA THR C 247 -25.88 -30.96 4.37
C THR C 247 -26.20 -29.48 4.41
N TYR C 248 -26.06 -28.89 5.59
CA TYR C 248 -26.22 -27.47 5.81
C TYR C 248 -24.84 -26.84 5.96
N LEU C 249 -24.63 -25.71 5.28
CA LEU C 249 -23.33 -25.03 5.26
C LEU C 249 -23.51 -23.58 5.66
N LYS C 250 -22.50 -23.05 6.36
CA LYS C 250 -22.43 -21.65 6.75
C LYS C 250 -21.00 -21.18 6.63
N VAL C 251 -20.81 -20.04 5.97
CA VAL C 251 -19.48 -19.48 5.74
C VAL C 251 -19.15 -18.48 6.86
N LEU C 252 -18.09 -18.76 7.61
CA LEU C 252 -17.62 -17.86 8.65
C LEU C 252 -16.59 -16.88 8.13
N ASN C 253 -15.61 -17.36 7.36
CA ASN C 253 -14.56 -16.48 6.84
C ASN C 253 -15.08 -15.76 5.59
N GLN C 254 -15.06 -14.42 5.63
CA GLN C 254 -15.62 -13.63 4.55
C GLN C 254 -14.69 -13.45 3.36
N GLN C 255 -13.38 -13.59 3.56
CA GLN C 255 -12.41 -13.47 2.47
C GLN C 255 -12.31 -14.71 1.60
N PHE C 256 -13.17 -15.70 1.83
CA PHE C 256 -13.05 -16.98 1.12
C PHE C 256 -13.62 -16.89 -0.30
N ILE C 257 -14.88 -16.47 -0.43
CA ILE C 257 -15.51 -16.42 -1.75
C ILE C 257 -14.73 -15.54 -2.70
N LYS C 258 -14.10 -14.47 -2.21
CA LYS C 258 -13.33 -13.59 -3.10
C LYS C 258 -12.11 -14.30 -3.65
N GLU C 259 -11.32 -14.93 -2.78
CA GLU C 259 -10.15 -15.66 -3.24
C GLU C 259 -10.54 -16.86 -4.09
N LEU C 260 -11.75 -17.39 -3.92
CA LEU C 260 -12.20 -18.49 -4.77
C LEU C 260 -12.53 -18.00 -6.17
N GLU C 261 -13.34 -16.94 -6.27
CA GLU C 261 -13.67 -16.40 -7.59
C GLU C 261 -12.42 -15.90 -8.31
N LYS C 262 -11.38 -15.52 -7.57
CA LYS C 262 -10.14 -15.05 -8.17
C LYS C 262 -9.31 -16.22 -8.66
N GLY D 1 -3.90 34.62 30.50
CA GLY D 1 -5.14 34.14 31.19
C GLY D 1 -5.03 32.71 31.66
N ALA D 2 -5.78 32.38 32.72
CA ALA D 2 -5.83 31.00 33.20
C ALA D 2 -6.27 30.07 32.07
N MET D 3 -7.32 30.44 31.36
CA MET D 3 -7.82 29.61 30.27
C MET D 3 -6.80 29.49 29.14
N ALA D 4 -6.09 30.58 28.82
CA ALA D 4 -5.08 30.52 27.77
C ALA D 4 -3.96 29.54 28.13
N THR D 5 -3.45 29.64 29.36
CA THR D 5 -2.41 28.71 29.80
C THR D 5 -2.92 27.27 29.80
N LEU D 6 -4.18 27.08 30.20
CA LEU D 6 -4.77 25.74 30.19
C LEU D 6 -4.81 25.17 28.77
N LEU D 7 -5.28 25.96 27.81
CA LEU D 7 -5.35 25.51 26.43
C LEU D 7 -3.96 25.18 25.89
N GLU D 8 -2.98 26.04 26.19
CA GLU D 8 -1.61 25.76 25.76
C GLU D 8 -1.12 24.43 26.33
N LYS D 9 -1.39 24.18 27.62
CA LYS D 9 -0.92 22.95 28.24
C LYS D 9 -1.57 21.72 27.59
N THR D 10 -2.88 21.81 27.33
CA THR D 10 -3.57 20.71 26.68
C THR D 10 -2.98 20.43 25.29
N ARG D 11 -2.61 21.49 24.57
CA ARG D 11 -1.98 21.28 23.27
C ARG D 11 -0.61 20.63 23.41
N GLN D 12 0.13 21.02 24.45
CA GLN D 12 1.46 20.44 24.66
C GLN D 12 1.34 18.94 24.92
N VAL D 13 0.30 18.51 25.63
CA VAL D 13 0.13 17.08 25.84
C VAL D 13 -0.39 16.39 24.58
N ASN D 14 -1.26 17.05 23.81
CA ASN D 14 -1.76 16.45 22.58
C ASN D 14 -0.63 16.14 21.60
N GLU D 15 0.33 17.06 21.46
CA GLU D 15 1.38 16.82 20.49
C GLU D 15 2.22 15.61 20.88
N LEU D 16 2.36 15.35 22.19
CA LEU D 16 3.13 14.16 22.58
C LEU D 16 2.29 12.91 22.38
N LEU D 17 0.98 13.03 22.53
CA LEU D 17 0.12 11.87 22.28
C LEU D 17 0.19 11.45 20.84
N GLN D 18 0.38 12.42 19.93
CA GLN D 18 0.40 12.10 18.50
C GLN D 18 1.58 11.21 18.12
N LYS D 19 2.80 11.62 18.46
CA LYS D 19 4.00 10.91 18.00
C LYS D 19 4.60 9.96 19.03
N ASN D 20 4.31 10.13 20.32
CA ASN D 20 4.92 9.34 21.38
C ASN D 20 4.02 8.22 21.87
N ASN D 21 2.99 7.87 21.09
CA ASN D 21 2.14 6.74 21.47
C ASN D 21 2.99 5.52 21.78
N LEU D 22 4.01 5.27 20.96
CA LEU D 22 4.92 4.15 21.17
C LEU D 22 4.15 2.88 21.50
N PHE D 23 3.20 2.56 20.62
CA PHE D 23 2.27 1.45 20.80
C PHE D 23 2.94 0.09 20.65
N ASP D 24 4.09 0.04 19.98
CA ASP D 24 4.84 -1.20 19.88
C ASP D 24 5.53 -1.54 21.20
N VAL D 25 5.90 -0.53 21.98
CA VAL D 25 6.71 -0.76 23.18
C VAL D 25 5.82 -1.21 24.33
N GLN D 26 6.18 -2.35 24.93
CA GLN D 26 5.53 -2.83 26.14
C GLN D 26 6.60 -3.20 27.17
N ALA D 27 7.46 -2.23 27.49
CA ALA D 27 8.57 -2.42 28.40
C ALA D 27 8.22 -1.95 29.81
N GLU D 28 9.08 -2.32 30.76
CA GLU D 28 8.88 -1.92 32.15
C GLU D 28 8.57 -0.43 32.22
N LEU D 29 7.53 -0.09 32.97
CA LEU D 29 7.04 1.28 33.02
C LEU D 29 6.78 1.80 31.61
N PRO D 30 5.75 1.31 30.93
CA PRO D 30 5.49 1.82 29.58
C PRO D 30 5.08 3.27 29.62
N TYR D 31 4.23 3.63 30.58
CA TYR D 31 3.68 4.97 30.73
C TYR D 31 4.63 5.97 31.36
N ASN D 32 5.76 5.56 31.92
CA ASN D 32 6.71 6.50 32.50
C ASN D 32 7.02 7.60 31.49
N LYS D 33 7.16 7.19 30.23
CA LYS D 33 7.29 8.18 29.16
C LYS D 33 6.17 9.19 29.27
N MET D 34 4.93 8.70 29.45
CA MET D 34 3.80 9.58 29.68
C MET D 34 3.94 10.36 30.99
N ALA D 35 4.57 9.75 32.01
CA ALA D 35 4.73 10.41 33.30
C ALA D 35 5.61 11.66 33.20
N MET D 36 6.71 11.57 32.46
CA MET D 36 7.64 12.70 32.36
C MET D 36 6.94 13.96 31.87
N ILE D 37 6.17 13.84 30.77
CA ILE D 37 5.47 15.00 30.22
C ILE D 37 4.58 15.63 31.28
N LEU D 38 3.80 14.82 31.99
CA LEU D 38 2.88 15.38 32.98
C LEU D 38 3.63 16.06 34.11
N GLY D 39 4.76 15.48 34.52
CA GLY D 39 5.55 16.13 35.55
C GLY D 39 6.05 17.49 35.10
N ASP D 40 6.49 17.59 33.84
CA ASP D 40 7.05 18.84 33.33
C ASP D 40 5.98 19.90 33.13
N ILE D 41 4.85 19.53 32.50
CA ILE D 41 3.82 20.51 32.14
C ILE D 41 3.19 21.12 33.39
N LEU D 42 3.11 20.38 34.49
CA LEU D 42 2.58 20.90 35.75
C LEU D 42 3.67 21.46 36.64
N GLU D 43 4.93 21.35 36.23
CA GLU D 43 6.06 21.86 37.01
C GLU D 43 5.99 21.34 38.44
N SER D 44 5.79 20.03 38.54
CA SER D 44 5.63 19.34 39.81
C SER D 44 6.07 17.89 39.65
N ASN D 45 6.39 17.25 40.78
CA ASN D 45 6.74 15.84 40.77
C ASN D 45 5.54 14.96 40.47
N ALA D 46 5.77 13.87 39.74
CA ALA D 46 4.68 13.02 39.28
C ALA D 46 4.97 11.55 39.54
N TYR D 47 3.93 10.80 39.92
CA TYR D 47 4.01 9.36 40.12
C TYR D 47 2.75 8.73 39.54
N ILE D 48 2.90 7.52 39.00
CA ILE D 48 1.80 6.78 38.40
C ILE D 48 1.86 5.37 38.96
N ILE D 49 0.77 4.91 39.59
CA ILE D 49 0.74 3.58 40.19
C ILE D 49 -0.53 2.87 39.75
N SER D 50 -0.47 1.54 39.81
CA SER D 50 -1.64 0.72 39.52
C SER D 50 -2.52 0.64 40.77
N SER D 51 -3.67 -0.03 40.63
CA SER D 51 -4.54 -0.19 41.78
C SER D 51 -3.90 -1.04 42.86
N SER D 52 -3.00 -1.95 42.47
CA SER D 52 -2.30 -2.79 43.43
C SER D 52 -1.06 -2.11 44.01
N GLY D 53 -0.54 -1.09 43.35
CA GLY D 53 0.65 -0.38 43.81
C GLY D 53 1.86 -0.50 42.91
N ASP D 54 1.82 -1.32 41.86
CA ASP D 54 2.97 -1.45 40.96
C ASP D 54 3.26 -0.11 40.29
N LEU D 55 4.50 0.35 40.41
CA LEU D 55 4.91 1.61 39.81
C LEU D 55 4.98 1.47 38.29
N LEU D 56 4.38 2.42 37.58
CA LEU D 56 4.34 2.41 36.13
C LEU D 56 4.98 3.64 35.51
N GLY D 57 5.44 4.59 36.33
CA GLY D 57 6.04 5.81 35.83
C GLY D 57 6.25 6.82 36.93
N TYR D 58 7.32 7.59 36.86
CA TYR D 58 7.58 8.57 37.90
C TYR D 58 8.58 9.60 37.38
N THR D 59 8.56 10.75 38.03
CA THR D 59 9.53 11.81 37.75
C THR D 59 9.69 12.65 39.02
N GLU D 60 10.89 12.58 39.59
CA GLU D 60 11.29 13.39 40.74
C GLU D 60 12.06 14.59 40.18
N LYS D 61 11.30 15.56 39.65
CA LYS D 61 11.91 16.75 39.07
C LYS D 61 12.46 17.67 40.15
N LEU D 62 11.80 17.69 41.30
CA LEU D 62 12.06 18.61 42.40
C LEU D 62 12.82 17.87 43.50
N ASP D 63 13.12 18.60 44.57
CA ASP D 63 13.89 18.05 45.68
C ASP D 63 13.05 17.04 46.47
N VAL D 64 13.50 15.78 46.50
CA VAL D 64 12.81 14.72 47.20
C VAL D 64 13.71 14.20 48.33
N ASN D 65 13.12 13.40 49.21
CA ASN D 65 13.88 12.84 50.33
C ASN D 65 14.99 11.94 49.80
N ASN D 66 14.66 11.08 48.85
CA ASN D 66 15.65 10.25 48.15
C ASN D 66 16.14 9.06 48.96
N ALA D 67 16.59 9.31 50.20
CA ALA D 67 17.28 8.25 50.92
C ALA D 67 16.35 7.06 51.12
N ARG D 68 15.21 7.29 51.77
CA ARG D 68 14.20 6.27 51.98
C ARG D 68 13.20 6.16 50.83
N ILE D 69 12.97 7.23 50.07
CA ILE D 69 12.02 7.20 48.95
C ILE D 69 12.57 6.52 47.69
N LYS D 70 13.87 6.61 47.44
CA LYS D 70 14.46 6.00 46.24
C LYS D 70 14.25 4.50 46.22
N ASN D 71 14.15 3.87 47.40
CA ASN D 71 13.93 2.43 47.45
C ASN D 71 12.64 2.05 46.73
N MET D 72 11.59 2.86 46.87
CA MET D 72 10.34 2.57 46.18
C MET D 72 10.52 2.68 44.66
N PHE D 73 11.22 3.72 44.19
CA PHE D 73 11.41 3.87 42.75
C PHE D 73 12.22 2.73 42.18
N LYS D 74 13.30 2.34 42.86
CA LYS D 74 14.15 1.27 42.34
C LYS D 74 13.39 -0.06 42.34
N GLU D 75 12.76 -0.41 43.46
CA GLU D 75 12.00 -1.65 43.52
C GLU D 75 10.71 -1.56 42.72
N LYS D 76 10.29 -0.35 42.33
CA LYS D 76 9.09 -0.17 41.52
C LYS D 76 7.86 -0.77 42.18
N LYS D 77 7.68 -0.43 43.45
CA LYS D 77 6.54 -0.91 44.23
C LYS D 77 6.32 0.07 45.37
N PHE D 78 5.15 0.71 45.39
CA PHE D 78 4.83 1.67 46.44
C PHE D 78 4.37 0.95 47.71
N PRO D 79 4.41 1.65 48.85
CA PRO D 79 4.02 1.02 50.12
C PRO D 79 2.55 0.62 50.12
N GLN D 80 2.31 -0.60 50.59
CA GLN D 80 0.95 -1.16 50.56
C GLN D 80 -0.04 -0.25 51.29
N GLY D 81 0.41 0.43 52.35
CA GLY D 81 -0.51 1.26 53.12
C GLY D 81 -1.01 2.45 52.34
N TYR D 82 -0.10 3.18 51.69
CA TYR D 82 -0.51 4.37 50.94
C TYR D 82 -1.41 3.99 49.77
N THR D 83 -1.07 2.90 49.07
CA THR D 83 -1.90 2.46 47.94
C THR D 83 -3.29 2.02 48.40
N GLU D 84 -3.36 1.25 49.49
CA GLU D 84 -4.67 0.84 49.98
C GLU D 84 -5.44 2.00 50.58
N ALA D 85 -4.74 3.10 50.92
CA ALA D 85 -5.42 4.32 51.33
C ALA D 85 -6.00 5.07 50.14
N VAL D 86 -5.26 5.14 49.04
CA VAL D 86 -5.79 5.86 47.88
C VAL D 86 -6.92 5.06 47.25
N ASP D 87 -6.94 3.73 47.46
CA ASP D 87 -8.02 2.91 46.91
C ASP D 87 -9.38 3.26 47.54
N MET D 88 -9.39 3.91 48.70
CA MET D 88 -10.65 4.18 49.37
C MET D 88 -11.39 5.35 48.73
N LEU D 89 -10.65 6.34 48.24
CA LEU D 89 -11.30 7.47 47.59
C LEU D 89 -11.91 7.06 46.27
N LYS D 90 -13.15 7.48 46.06
CA LYS D 90 -13.88 7.20 44.83
C LYS D 90 -13.51 8.22 43.74
N VAL D 91 -13.56 9.50 44.08
CA VAL D 91 -13.37 10.59 43.13
C VAL D 91 -12.11 11.39 43.45
N THR D 92 -11.80 12.36 42.59
CA THR D 92 -10.58 13.15 42.72
C THR D 92 -10.57 13.99 43.99
N GLU D 93 -9.43 14.06 44.69
CA GLU D 93 -9.22 14.87 45.92
C GLU D 93 -7.90 15.62 45.69
N ALA D 94 -7.92 16.96 45.60
CA ALA D 94 -6.72 17.77 45.28
C ALA D 94 -6.40 18.75 46.40
N ASN D 95 -5.16 19.23 46.42
CA ASN D 95 -4.57 20.18 47.40
C ASN D 95 -4.87 19.45 48.71
N ILE D 96 -4.25 18.30 48.91
CA ILE D 96 -4.17 17.52 50.18
C ILE D 96 -2.97 18.06 50.95
N PRO D 97 -3.06 18.45 52.25
CA PRO D 97 -1.89 18.93 53.02
C PRO D 97 -0.95 17.80 53.50
N ILE D 98 0.16 18.11 54.21
CA ILE D 98 1.10 17.07 54.58
C ILE D 98 0.59 16.24 55.76
N ASP D 99 -0.18 16.86 56.66
CA ASP D 99 -0.64 16.16 57.85
C ASP D 99 -1.56 14.99 57.50
N SER D 100 -2.20 15.02 56.34
CA SER D 100 -3.07 13.94 55.90
C SER D 100 -2.24 12.74 55.47
N ASP D 101 -2.77 11.54 55.73
CA ASP D 101 -2.07 10.33 55.34
C ASP D 101 -1.99 10.16 53.83
N LEU D 102 -2.85 10.86 53.08
CA LEU D 102 -2.82 10.83 51.62
C LEU D 102 -1.71 11.69 51.03
N THR D 103 -0.82 12.24 51.85
CA THR D 103 0.22 13.12 51.33
C THR D 103 1.23 12.31 50.53
N ALA D 104 1.69 12.90 49.41
CA ALA D 104 2.70 12.28 48.58
C ALA D 104 4.11 12.49 49.12
N PHE D 105 4.30 13.41 50.07
CA PHE D 105 5.62 13.72 50.59
C PHE D 105 6.06 12.69 51.62
N PRO D 106 7.38 12.52 51.78
CA PRO D 106 7.89 11.52 52.73
C PRO D 106 7.52 11.86 54.17
N PHE D 107 7.15 10.83 54.94
CA PHE D 107 6.99 11.05 56.37
C PHE D 107 8.34 11.16 57.07
N GLU D 108 9.41 10.70 56.42
CA GLU D 108 10.75 10.87 56.97
C GLU D 108 11.13 12.34 57.02
N SER D 109 10.93 13.07 55.93
CA SER D 109 11.26 14.49 55.79
C SER D 109 9.98 15.28 55.54
N ARG D 110 9.25 15.62 56.61
CA ARG D 110 8.06 16.45 56.50
C ARG D 110 8.27 17.92 56.81
N GLU D 111 9.30 18.27 57.58
CA GLU D 111 9.54 19.68 57.86
C GLU D 111 10.28 20.40 56.74
N LEU D 112 10.84 19.68 55.77
CA LEU D 112 11.51 20.32 54.65
C LEU D 112 10.53 20.99 53.70
N TYR D 113 9.30 20.45 53.58
CA TYR D 113 8.30 20.96 52.67
C TYR D 113 7.04 21.27 53.48
N PRO D 114 7.09 22.29 54.35
CA PRO D 114 5.91 22.56 55.19
C PRO D 114 4.70 23.00 54.40
N PHE D 115 4.90 23.82 53.37
CA PHE D 115 3.82 24.34 52.56
C PHE D 115 3.46 23.44 51.37
N GLY D 116 4.16 22.31 51.23
CA GLY D 116 3.98 21.45 50.06
C GLY D 116 2.53 21.00 49.87
N LEU D 117 2.12 20.94 48.61
CA LEU D 117 0.76 20.55 48.23
C LEU D 117 0.83 19.32 47.33
N THR D 118 -0.24 18.52 47.36
CA THR D 118 -0.26 17.30 46.56
C THR D 118 -1.69 17.01 46.13
N THR D 119 -1.82 16.31 45.01
CA THR D 119 -3.13 15.97 44.44
C THR D 119 -3.14 14.51 44.02
N ILE D 120 -4.30 13.86 44.18
CA ILE D 120 -4.48 12.46 43.82
C ILE D 120 -5.66 12.33 42.88
N VAL D 121 -5.47 11.61 41.76
CA VAL D 121 -6.51 11.41 40.77
C VAL D 121 -6.67 9.94 40.44
N PRO D 122 -7.85 9.34 40.62
CA PRO D 122 -8.02 7.93 40.29
C PRO D 122 -8.22 7.73 38.80
N LEU D 123 -7.85 6.55 38.31
CA LEU D 123 -7.94 6.23 36.89
C LEU D 123 -8.99 5.14 36.64
N TYR D 124 -9.81 5.36 35.61
CA TYR D 124 -10.90 4.45 35.23
C TYR D 124 -10.85 4.35 33.70
N GLY D 125 -10.09 3.39 33.18
CA GLY D 125 -10.03 3.21 31.74
C GLY D 125 -11.34 2.76 31.13
N ALA D 126 -11.89 1.65 31.65
CA ALA D 126 -13.14 1.09 31.15
C ALA D 126 -14.26 1.20 32.19
N GLY D 127 -14.28 2.30 32.95
CA GLY D 127 -15.24 2.43 34.02
C GLY D 127 -14.92 1.53 35.19
N LYS D 128 -13.69 1.03 35.23
CA LYS D 128 -13.18 0.14 36.26
C LYS D 128 -11.89 0.73 36.79
N ARG D 129 -11.64 0.59 38.10
CA ARG D 129 -10.46 1.21 38.68
C ARG D 129 -9.21 0.45 38.28
N LEU D 130 -8.36 1.12 37.50
CA LEU D 130 -7.11 0.53 37.04
C LEU D 130 -5.89 1.08 37.78
N GLY D 131 -5.97 2.28 38.36
CA GLY D 131 -4.83 2.83 39.09
C GLY D 131 -5.06 4.25 39.58
N THR D 132 -3.96 5.00 39.71
CA THR D 132 -4.07 6.37 40.23
C THR D 132 -2.80 7.15 39.95
N ILE D 133 -2.97 8.45 39.73
CA ILE D 133 -1.88 9.38 39.48
C ILE D 133 -1.72 10.26 40.72
N ILE D 134 -0.47 10.53 41.08
CA ILE D 134 -0.14 11.29 42.28
C ILE D 134 0.78 12.43 41.88
N LEU D 135 0.45 13.65 42.28
CA LEU D 135 1.24 14.82 41.96
C LEU D 135 1.63 15.54 43.23
N ALA D 136 2.80 16.17 43.21
CA ALA D 136 3.33 16.85 44.40
C ALA D 136 4.04 18.12 43.96
N ARG D 137 3.79 19.23 44.66
CA ARG D 137 4.20 20.61 44.33
C ARG D 137 4.66 21.31 45.61
N VAL D 138 5.42 22.40 45.51
CA VAL D 138 5.93 23.13 46.70
C VAL D 138 5.30 24.53 46.74
N GLU D 139 4.42 24.85 47.70
CA GLU D 139 3.76 26.18 47.93
C GLU D 139 2.74 26.52 46.84
N LYS D 140 3.14 26.61 45.57
CA LYS D 140 2.21 26.91 44.45
C LYS D 140 1.06 25.90 44.54
N SER D 141 -0.19 26.37 44.52
CA SER D 141 -1.39 25.54 44.69
C SER D 141 -1.94 25.12 43.34
N PHE D 142 -2.97 24.30 43.36
CA PHE D 142 -3.72 23.79 42.22
C PHE D 142 -5.06 24.52 42.12
N ASN D 143 -5.28 25.16 40.98
CA ASN D 143 -6.54 25.83 40.69
C ASN D 143 -7.46 24.87 39.92
N GLU D 144 -8.59 25.38 39.43
CA GLU D 144 -9.60 24.53 38.79
C GLU D 144 -9.11 23.97 37.45
N ASP D 145 -8.48 24.84 36.64
CA ASP D 145 -8.04 24.44 35.31
C ASP D 145 -7.05 23.28 35.35
N ASP D 146 -6.17 23.29 36.35
CA ASP D 146 -5.22 22.18 36.48
C ASP D 146 -5.96 20.88 36.78
N LEU D 147 -7.09 20.93 37.48
CA LEU D 147 -7.87 19.72 37.69
C LEU D 147 -8.45 19.21 36.37
N VAL D 148 -8.93 20.12 35.53
CA VAL D 148 -9.37 19.72 34.20
C VAL D 148 -8.25 18.97 33.49
N LEU D 149 -7.04 19.54 33.51
CA LEU D 149 -5.90 18.93 32.82
C LEU D 149 -5.56 17.55 33.41
N ALA D 150 -5.61 17.43 34.74
CA ALA D 150 -5.29 16.16 35.38
C ALA D 150 -6.23 15.06 34.93
N GLU D 151 -7.54 15.34 34.93
CA GLU D 151 -8.48 14.31 34.49
C GLU D 151 -8.32 14.03 33.00
N TYR D 152 -7.92 15.03 32.22
CA TYR D 152 -7.53 14.79 30.83
C TYR D 152 -6.50 13.67 30.74
N SER D 153 -5.43 13.79 31.53
CA SER D 153 -4.36 12.79 31.50
C SER D 153 -4.86 11.42 31.94
N ALA D 154 -5.73 11.40 32.96
CA ALA D 154 -6.28 10.13 33.44
C ALA D 154 -7.01 9.41 32.31
N THR D 155 -7.89 10.12 31.62
CA THR D 155 -8.69 9.49 30.59
C THR D 155 -7.82 8.99 29.45
N VAL D 156 -6.82 9.79 29.03
CA VAL D 156 -5.96 9.32 27.94
C VAL D 156 -5.25 8.03 28.31
N VAL D 157 -4.66 7.95 29.51
CA VAL D 157 -3.90 6.75 29.86
C VAL D 157 -4.78 5.51 29.93
N GLY D 158 -6.05 5.69 30.30
CA GLY D 158 -6.94 4.54 30.42
C GLY D 158 -6.98 3.64 29.19
N MET D 159 -7.11 4.24 28.00
CA MET D 159 -7.24 3.42 26.80
C MET D 159 -5.96 2.69 26.43
N GLN D 160 -4.80 3.30 26.69
CA GLN D 160 -3.56 2.57 26.44
C GLN D 160 -3.48 1.33 27.31
N ILE D 161 -3.85 1.44 28.60
CA ILE D 161 -3.87 0.23 29.43
C ILE D 161 -4.86 -0.78 28.87
N LEU D 162 -6.05 -0.30 28.47
CA LEU D 162 -7.06 -1.20 27.94
C LEU D 162 -6.53 -2.00 26.76
N TYR D 163 -5.84 -1.34 25.84
CA TYR D 163 -5.33 -2.09 24.70
C TYR D 163 -4.26 -3.09 25.13
N HIS D 164 -3.32 -2.63 25.96
CA HIS D 164 -2.22 -3.51 26.34
C HIS D 164 -2.75 -4.84 26.85
N GLN D 165 -3.80 -4.80 27.67
CA GLN D 165 -4.36 -6.05 28.20
C GLN D 165 -5.23 -6.79 27.16
N SER D 166 -6.04 -6.03 26.41
CA SER D 166 -6.97 -6.65 25.45
C SER D 166 -6.27 -7.46 24.38
N ARG D 167 -5.15 -6.96 23.85
CA ARG D 167 -4.50 -7.68 22.76
C ARG D 167 -4.06 -9.07 23.20
N THR D 168 -3.37 -9.16 24.34
CA THR D 168 -2.89 -10.46 24.80
C THR D 168 -4.05 -11.39 25.14
N ILE D 169 -5.10 -10.87 25.79
CA ILE D 169 -6.22 -11.76 26.14
C ILE D 169 -6.80 -12.38 24.87
N GLU D 170 -7.07 -11.54 23.86
CA GLU D 170 -7.64 -12.04 22.61
C GLU D 170 -6.69 -13.01 21.93
N ALA D 171 -5.39 -12.74 21.98
CA ALA D 171 -4.42 -13.61 21.30
C ALA D 171 -4.42 -15.01 21.91
N GLU D 172 -4.33 -15.10 23.24
CA GLU D 172 -4.27 -16.41 23.86
C GLU D 172 -5.57 -17.18 23.67
N VAL D 173 -6.71 -16.48 23.74
CA VAL D 173 -7.98 -17.17 23.56
C VAL D 173 -8.11 -17.67 22.12
N ARG D 174 -7.64 -16.87 21.16
CA ARG D 174 -7.63 -17.30 19.76
C ARG D 174 -6.79 -18.56 19.58
N SER D 175 -5.62 -18.59 20.21
CA SER D 175 -4.75 -19.76 20.09
C SER D 175 -5.45 -21.02 20.60
N ALA D 176 -6.16 -20.92 21.73
CA ALA D 176 -6.84 -22.09 22.28
C ALA D 176 -8.05 -22.49 21.41
N THR D 177 -8.81 -21.49 20.93
CA THR D 177 -9.97 -21.79 20.12
C THR D 177 -9.61 -22.49 18.81
N ALA D 178 -8.46 -22.14 18.22
CA ALA D 178 -8.08 -22.80 16.98
C ALA D 178 -7.94 -24.31 17.17
N VAL D 179 -7.21 -24.72 18.20
CA VAL D 179 -7.01 -26.15 18.44
C VAL D 179 -8.34 -26.83 18.75
N GLN D 180 -9.19 -26.20 19.57
CA GLN D 180 -10.46 -26.85 19.86
C GLN D 180 -11.28 -27.05 18.59
N MET D 181 -11.36 -26.01 17.75
CA MET D 181 -12.13 -26.11 16.52
C MET D 181 -11.56 -27.16 15.57
N ALA D 182 -10.24 -27.33 15.56
CA ALA D 182 -9.66 -28.34 14.67
C ALA D 182 -9.95 -29.75 15.17
N ILE D 183 -9.68 -30.01 16.46
CA ILE D 183 -9.89 -31.36 16.96
C ILE D 183 -11.36 -31.77 16.88
N ASN D 184 -12.27 -30.79 16.94
CA ASN D 184 -13.68 -31.16 16.86
C ASN D 184 -14.12 -31.64 15.46
N THR D 185 -13.25 -31.62 14.46
CA THR D 185 -13.61 -32.09 13.12
C THR D 185 -13.02 -33.45 12.78
N LEU D 186 -12.04 -33.93 13.54
CA LEU D 186 -11.48 -35.25 13.32
C LEU D 186 -12.47 -36.33 13.75
N SER D 187 -12.44 -37.47 13.05
CA SER D 187 -13.25 -38.61 13.42
C SER D 187 -12.56 -39.37 14.56
N TYR D 188 -13.21 -40.45 15.02
CA TYR D 188 -12.64 -41.23 16.10
C TYR D 188 -11.26 -41.77 15.73
N SER D 189 -11.18 -42.46 14.60
CA SER D 189 -9.90 -43.03 14.18
C SER D 189 -8.88 -41.94 13.89
N GLU D 190 -9.30 -40.83 13.27
CA GLU D 190 -8.38 -39.73 12.99
C GLU D 190 -7.83 -39.14 14.28
N LEU D 191 -8.68 -38.93 15.28
CA LEU D 191 -8.23 -38.37 16.56
C LEU D 191 -7.29 -39.33 17.28
N LYS D 192 -7.63 -40.61 17.31
CA LYS D 192 -6.73 -41.61 17.89
C LYS D 192 -5.38 -41.58 17.17
N ALA D 193 -5.40 -41.40 15.84
CA ALA D 193 -4.16 -41.33 15.08
C ALA D 193 -3.33 -40.13 15.47
N VAL D 194 -3.96 -38.96 15.64
CA VAL D 194 -3.21 -37.78 16.07
C VAL D 194 -2.57 -38.03 17.43
N HIS D 195 -3.35 -38.58 18.38
CA HIS D 195 -2.78 -38.89 19.69
C HIS D 195 -1.56 -39.78 19.55
N ALA D 196 -1.69 -40.88 18.81
CA ALA D 196 -0.58 -41.81 18.65
C ALA D 196 0.62 -41.11 18.02
N ILE D 197 0.37 -40.31 16.98
CA ILE D 197 1.46 -39.72 16.21
C ILE D 197 2.25 -38.74 17.06
N PHE D 198 1.56 -37.87 17.78
CA PHE D 198 2.27 -36.85 18.55
C PHE D 198 2.80 -37.38 19.87
N GLU D 199 2.30 -38.51 20.37
CA GLU D 199 2.99 -39.15 21.48
C GLU D 199 4.27 -39.85 20.99
N ALA D 200 4.23 -40.42 19.79
CA ALA D 200 5.43 -41.02 19.22
C ALA D 200 6.47 -39.98 18.84
N LEU D 201 6.03 -38.79 18.41
CA LEU D 201 6.98 -37.75 18.02
C LEU D 201 7.79 -37.26 19.22
N ASP D 202 7.10 -36.94 20.32
CA ASP D 202 7.74 -36.48 21.54
C ASP D 202 8.67 -35.31 21.26
N GLY D 203 8.08 -34.22 20.80
CA GLY D 203 8.86 -33.04 20.49
C GLY D 203 8.02 -31.97 19.84
N GLU D 204 8.66 -30.81 19.64
CA GLU D 204 7.99 -29.70 18.99
C GLU D 204 8.04 -29.85 17.47
N GLU D 205 9.03 -30.59 16.98
CA GLU D 205 9.18 -30.89 15.57
C GLU D 205 10.00 -32.16 15.47
N GLY D 206 10.00 -32.77 14.30
CA GLY D 206 10.79 -33.97 14.11
C GLY D 206 10.39 -34.72 12.86
N ARG D 207 10.86 -35.96 12.80
CA ARG D 207 10.59 -36.85 11.68
C ARG D 207 10.15 -38.20 12.23
N LEU D 208 9.25 -38.86 11.49
CA LEU D 208 8.79 -40.19 11.86
C LEU D 208 8.24 -40.86 10.60
N THR D 209 7.76 -42.09 10.75
CA THR D 209 7.17 -42.84 9.65
C THR D 209 5.69 -43.06 9.97
N ALA D 210 4.80 -42.46 9.18
CA ALA D 210 3.37 -42.52 9.48
C ALA D 210 2.81 -43.91 9.25
N SER D 211 3.26 -44.59 8.18
CA SER D 211 2.73 -45.92 7.89
C SER D 211 3.03 -46.89 9.03
N SER D 212 4.20 -46.75 9.66
CA SER D 212 4.55 -47.62 10.78
C SER D 212 3.54 -47.46 11.92
N ILE D 213 3.30 -46.22 12.35
CA ILE D 213 2.33 -45.99 13.42
C ILE D 213 0.94 -46.47 13.01
N ALA D 214 0.57 -46.23 11.75
CA ALA D 214 -0.73 -46.68 11.26
C ALA D 214 -0.88 -48.19 11.44
N ASP D 215 0.15 -48.95 11.06
CA ASP D 215 0.09 -50.39 11.27
C ASP D 215 0.13 -50.76 12.74
N GLU D 216 0.80 -49.94 13.56
CA GLU D 216 0.94 -50.24 14.98
C GLU D 216 -0.35 -50.04 15.75
N ILE D 217 -1.24 -49.16 15.29
CA ILE D 217 -2.47 -48.86 16.01
C ILE D 217 -3.71 -49.38 15.28
N GLY D 218 -3.54 -50.11 14.19
CA GLY D 218 -4.66 -50.70 13.47
C GLY D 218 -5.53 -49.70 12.77
N ILE D 219 -4.92 -48.75 12.07
CA ILE D 219 -5.62 -47.74 11.30
C ILE D 219 -5.00 -47.70 9.90
N THR D 220 -5.83 -47.43 8.91
CA THR D 220 -5.34 -47.38 7.53
C THR D 220 -4.38 -46.20 7.39
N ARG D 221 -3.34 -46.41 6.58
CA ARG D 221 -2.31 -45.39 6.44
C ARG D 221 -2.86 -44.09 5.86
N SER D 222 -3.87 -44.17 5.00
CA SER D 222 -4.42 -42.96 4.40
C SER D 222 -5.11 -42.07 5.43
N VAL D 223 -5.67 -42.68 6.47
CA VAL D 223 -6.39 -41.91 7.50
C VAL D 223 -5.43 -40.97 8.23
N ILE D 224 -4.20 -41.42 8.50
CA ILE D 224 -3.23 -40.55 9.17
C ILE D 224 -2.90 -39.35 8.30
N VAL D 225 -2.64 -39.59 7.02
CA VAL D 225 -2.35 -38.49 6.10
C VAL D 225 -3.51 -37.50 6.09
N ASN D 226 -4.73 -38.02 5.97
CA ASN D 226 -5.90 -37.14 5.89
C ASN D 226 -6.08 -36.33 7.17
N ALA D 227 -5.82 -36.94 8.33
CA ALA D 227 -5.93 -36.22 9.60
C ALA D 227 -4.89 -35.11 9.69
N LEU D 228 -3.64 -35.42 9.36
CA LEU D 228 -2.61 -34.39 9.36
C LEU D 228 -2.95 -33.28 8.36
N ARG D 229 -3.65 -33.61 7.29
CA ARG D 229 -4.05 -32.58 6.34
C ARG D 229 -5.14 -31.69 6.93
N LYS D 230 -6.09 -32.29 7.66
CA LYS D 230 -7.10 -31.49 8.35
C LYS D 230 -6.43 -30.55 9.36
N LEU D 231 -5.34 -31.00 9.98
CA LEU D 231 -4.62 -30.12 10.91
C LEU D 231 -3.87 -29.02 10.15
N GLU D 232 -3.21 -29.38 9.04
CA GLU D 232 -2.50 -28.38 8.24
C GLU D 232 -3.44 -27.27 7.79
N SER D 233 -4.68 -27.62 7.42
CA SER D 233 -5.62 -26.62 6.95
C SER D 233 -5.75 -25.47 7.96
N ALA D 234 -5.88 -25.81 9.25
CA ALA D 234 -6.04 -24.81 10.29
C ALA D 234 -4.72 -24.22 10.79
N GLY D 235 -3.62 -24.46 10.07
CA GLY D 235 -2.36 -23.89 10.48
C GLY D 235 -1.87 -24.38 11.83
N ILE D 236 -2.41 -25.50 12.32
CA ILE D 236 -1.99 -26.03 13.60
C ILE D 236 -0.62 -26.69 13.49
N ILE D 237 -0.30 -27.28 12.34
CA ILE D 237 0.96 -27.99 12.14
C ILE D 237 1.50 -27.67 10.74
N GLU D 238 2.71 -28.14 10.48
CA GLU D 238 3.37 -28.00 9.18
C GLU D 238 4.01 -29.33 8.85
N SER D 239 3.42 -30.05 7.89
CA SER D 239 3.89 -31.36 7.46
C SER D 239 4.62 -31.26 6.13
N ARG D 240 5.63 -32.12 5.97
CA ARG D 240 6.40 -32.19 4.74
C ARG D 240 6.73 -33.64 4.43
N SER D 241 6.55 -34.04 3.18
CA SER D 241 6.81 -35.42 2.77
C SER D 241 8.27 -35.60 2.39
N LEU D 242 8.93 -36.59 2.99
CA LEU D 242 10.30 -36.94 2.62
C LEU D 242 10.38 -38.26 1.88
N GLY D 243 9.28 -38.74 1.32
CA GLY D 243 9.34 -39.99 0.58
C GLY D 243 9.84 -41.13 1.44
N MET D 244 10.96 -41.73 1.04
CA MET D 244 11.44 -42.93 1.72
C MET D 244 11.89 -42.66 3.14
N LYS D 245 12.15 -41.41 3.51
CA LYS D 245 12.55 -41.10 4.88
C LYS D 245 11.37 -40.87 5.80
N GLY D 246 10.14 -40.92 5.29
CA GLY D 246 8.98 -40.76 6.14
C GLY D 246 8.34 -39.40 5.99
N THR D 247 7.77 -38.90 7.08
CA THR D 247 7.14 -37.60 7.13
C THR D 247 7.79 -36.73 8.19
N TYR D 248 7.94 -35.45 7.88
CA TYR D 248 8.45 -34.44 8.78
C TYR D 248 7.29 -33.61 9.31
N LEU D 249 7.27 -33.36 10.61
CA LEU D 249 6.20 -32.62 11.26
C LEU D 249 6.79 -31.50 12.09
N LYS D 250 6.06 -30.38 12.15
CA LYS D 250 6.44 -29.25 13.00
C LYS D 250 5.18 -28.67 13.62
N VAL D 251 5.21 -28.46 14.94
CA VAL D 251 4.05 -27.95 15.66
C VAL D 251 4.16 -26.43 15.68
N LEU D 252 3.18 -25.76 15.08
CA LEU D 252 3.14 -24.29 15.05
C LEU D 252 2.39 -23.74 16.25
N ASN D 253 1.22 -24.29 16.54
CA ASN D 253 0.40 -23.84 17.66
C ASN D 253 0.90 -24.49 18.94
N GLN D 254 1.27 -23.67 19.93
CA GLN D 254 1.83 -24.18 21.17
C GLN D 254 0.77 -24.75 22.10
N GLN D 255 -0.48 -24.33 21.95
CA GLN D 255 -1.57 -24.83 22.78
C GLN D 255 -2.07 -26.21 22.33
N PHE D 256 -1.39 -26.82 21.34
CA PHE D 256 -1.86 -28.07 20.75
C PHE D 256 -1.53 -29.27 21.63
N ILE D 257 -0.24 -29.43 21.98
CA ILE D 257 0.17 -30.56 22.80
C ILE D 257 -0.60 -30.57 24.12
N LYS D 258 -0.88 -29.37 24.65
CA LYS D 258 -1.61 -29.26 25.91
C LYS D 258 -3.05 -29.73 25.75
N GLU D 259 -3.73 -29.26 24.72
CA GLU D 259 -5.11 -29.69 24.48
C GLU D 259 -5.20 -31.17 24.15
N LEU D 260 -4.13 -31.77 23.63
CA LEU D 260 -4.16 -33.21 23.39
C LEU D 260 -4.00 -34.00 24.69
N GLU D 261 -2.99 -33.68 25.50
CA GLU D 261 -2.79 -34.47 26.71
C GLU D 261 -3.97 -34.37 27.67
N LYS D 262 -4.69 -33.25 27.68
CA LYS D 262 -5.85 -33.11 28.56
C LYS D 262 -7.09 -33.77 27.94
N LEU G . -10.09 11.91 -47.34
CA LEU G . -9.80 10.46 -47.29
C LEU G . -11.05 9.68 -47.68
O LEU G . -10.94 8.42 -47.80
CB LEU G . -9.31 10.11 -45.89
CG LEU G . -10.31 10.26 -44.75
CD1 LEU G . -11.16 9.01 -44.61
CD2 LEU G . -9.59 10.53 -43.43
OXT LEU G . -12.10 10.28 -47.84
N LEU H . 19.20 29.49 -1.55
CA LEU H . 19.65 28.07 -1.54
C LEU H . 20.92 27.98 -0.71
O LEU H . 21.75 28.90 -0.85
CB LEU H . 19.91 27.61 -2.98
CG LEU H . 20.20 26.12 -3.14
CD1 LEU H . 19.67 25.61 -4.46
CD2 LEU H . 21.69 25.84 -3.01
OXT LEU H . 21.07 27.04 0.05
MN MN I . 23.18 -48.40 -10.28
#